data_4IIU
#
_entry.id   4IIU
#
_cell.length_a   128.541
_cell.length_b   128.541
_cell.length_c   125.938
_cell.angle_alpha   90.000
_cell.angle_beta   90.000
_cell.angle_gamma   120.000
#
_symmetry.space_group_name_H-M   'P 65'
#
loop_
_entity.id
_entity.type
_entity.pdbx_description
1 polymer '3-oxoacyl-[acyl-carrier protein] reductase'
2 non-polymer 'NADP NICOTINAMIDE-ADENINE-DINUCLEOTIDE PHOSPHATE'
3 water water
#
_entity_poly.entity_id   1
_entity_poly.type   'polypeptide(L)'
_entity_poly.pdbx_seq_one_letter_code
;MHHHHHHSSGVDLGTENLYFQSNAMSRSVLVTGASKGIGRAIARQLAADGFNIGVHYHRDAAGAQETLNAIVANGGNGRL
LSFDVANREQCREVLEHEIAQHGAWYGVVSNAGIARDAAFPALSNDDWDAVIHTNLDSFYNVIQPCIMPMIGARQGGRII
TLSSVSGVMGNRGQVNYSAAKAGIIGATKALAIELAKRKITVNCIAPGLIDTGMIEMEESALKEAMSMIPMKRMGQAEEV
AGLASYLMSDIAGYVTRQVISINGGML
;
_entity_poly.pdbx_strand_id   A,B,C,D
#
loop_
_chem_comp.id
_chem_comp.type
_chem_comp.name
_chem_comp.formula
NAP non-polymer 'NADP NICOTINAMIDE-ADENINE-DINUCLEOTIDE PHOSPHATE' 'C21 H28 N7 O17 P3'
#
# COMPACT_ATOMS: atom_id res chain seq x y z
N MET A 25 -37.81 9.06 -2.70
CA MET A 25 -37.05 7.81 -2.44
C MET A 25 -36.40 7.81 -1.06
N SER A 26 -37.09 7.22 -0.08
CA SER A 26 -36.50 6.78 1.19
C SER A 26 -35.53 5.65 0.87
N ARG A 27 -34.27 5.80 1.25
CA ARG A 27 -33.28 4.81 0.94
C ARG A 27 -32.96 4.01 2.17
N SER A 28 -32.97 2.69 2.03
CA SER A 28 -32.73 1.80 3.16
C SER A 28 -31.31 1.25 3.15
N VAL A 29 -30.77 1.04 4.34
CA VAL A 29 -29.42 0.55 4.54
C VAL A 29 -29.46 -0.59 5.57
N LEU A 30 -28.93 -1.74 5.18
CA LEU A 30 -28.75 -2.88 6.05
C LEU A 30 -27.45 -2.70 6.79
N VAL A 31 -27.50 -2.78 8.13
CA VAL A 31 -26.31 -2.75 8.95
C VAL A 31 -26.24 -4.03 9.73
N THR A 32 -25.32 -4.93 9.36
CA THR A 32 -25.14 -6.16 10.14
C THR A 32 -24.43 -5.86 11.45
N GLY A 33 -24.74 -6.66 12.47
CA GLY A 33 -24.20 -6.47 13.80
C GLY A 33 -24.53 -5.12 14.41
N ALA A 34 -25.79 -4.69 14.30
CA ALA A 34 -26.22 -3.37 14.77
C ALA A 34 -26.74 -3.38 16.21
N SER A 35 -26.64 -4.52 16.87
CA SER A 35 -27.08 -4.68 18.26
C SER A 35 -26.09 -4.12 19.29
N LYS A 36 -24.87 -3.82 18.85
CA LYS A 36 -23.84 -3.25 19.73
C LYS A 36 -22.66 -2.63 18.95
N GLY A 37 -21.77 -1.96 19.67
CA GLY A 37 -20.48 -1.59 19.17
C GLY A 37 -20.54 -0.71 17.93
N ILE A 38 -19.68 -1.03 16.98
CA ILE A 38 -19.54 -0.20 15.76
C ILE A 38 -20.84 -0.24 14.95
N GLY A 39 -21.46 -1.42 14.86
CA GLY A 39 -22.68 -1.55 14.06
C GLY A 39 -23.80 -0.68 14.60
N ARG A 40 -23.97 -0.67 15.92
CA ARG A 40 -24.96 0.21 16.54
C ARG A 40 -24.68 1.66 16.19
N ALA A 41 -23.42 2.07 16.32
CA ALA A 41 -23.06 3.46 16.10
C ALA A 41 -23.33 3.83 14.63
N ILE A 42 -23.00 2.92 13.73
CA ILE A 42 -23.24 3.15 12.29
C ILE A 42 -24.74 3.28 12.04
N ALA A 43 -25.51 2.36 12.62
CA ALA A 43 -26.96 2.40 12.49
C ALA A 43 -27.52 3.74 12.95
N ARG A 44 -27.10 4.21 14.11
N ARG A 44 -27.11 4.21 14.11
CA ARG A 44 -27.59 5.49 14.65
CA ARG A 44 -27.61 5.48 14.63
C ARG A 44 -27.24 6.66 13.76
C ARG A 44 -27.24 6.66 13.76
N GLN A 45 -25.99 6.72 13.30
CA GLN A 45 -25.54 7.83 12.48
C GLN A 45 -26.25 7.87 11.11
N LEU A 46 -26.35 6.72 10.45
CA LEU A 46 -27.00 6.68 9.14
C LEU A 46 -28.49 6.96 9.25
N ALA A 47 -29.11 6.56 10.36
CA ALA A 47 -30.52 6.92 10.62
C ALA A 47 -30.67 8.44 10.75
N ALA A 48 -29.79 9.07 11.53
CA ALA A 48 -29.76 10.53 11.67
C ALA A 48 -29.54 11.20 10.31
N ASP A 49 -28.73 10.60 9.44
CA ASP A 49 -28.53 11.10 8.07
C ASP A 49 -29.80 10.97 7.22
N GLY A 50 -30.76 10.17 7.68
CA GLY A 50 -32.06 10.05 6.99
C GLY A 50 -32.29 8.73 6.29
N PHE A 51 -31.36 7.80 6.38
CA PHE A 51 -31.56 6.46 5.84
C PHE A 51 -32.48 5.62 6.75
N ASN A 52 -33.31 4.79 6.14
CA ASN A 52 -34.11 3.80 6.85
C ASN A 52 -33.23 2.56 7.12
N ILE A 53 -33.08 2.19 8.38
CA ILE A 53 -32.09 1.18 8.78
C ILE A 53 -32.65 -0.23 9.03
N GLY A 54 -32.07 -1.21 8.37
CA GLY A 54 -32.23 -2.60 8.74
C GLY A 54 -31.28 -2.92 9.87
N VAL A 55 -31.84 -2.96 11.07
CA VAL A 55 -31.06 -3.15 12.29
C VAL A 55 -30.91 -4.64 12.51
N HIS A 56 -29.80 -5.19 12.00
CA HIS A 56 -29.59 -6.62 12.08
C HIS A 56 -28.94 -7.04 13.39
N TYR A 57 -29.31 -8.24 13.85
CA TYR A 57 -28.62 -8.87 14.97
C TYR A 57 -28.52 -10.37 14.74
N HIS A 58 -27.66 -11.03 15.51
CA HIS A 58 -27.53 -12.49 15.42
C HIS A 58 -28.36 -13.10 16.52
N ARG A 59 -27.93 -12.90 17.77
CA ARG A 59 -28.65 -13.40 18.94
C ARG A 59 -29.13 -12.33 19.89
N ASP A 60 -28.55 -11.13 19.83
CA ASP A 60 -28.84 -10.09 20.83
C ASP A 60 -30.03 -9.23 20.40
N ALA A 61 -31.23 -9.80 20.50
CA ALA A 61 -32.47 -9.12 20.12
C ALA A 61 -32.69 -7.86 20.94
N ALA A 62 -32.45 -7.95 22.24
CA ALA A 62 -32.63 -6.81 23.14
C ALA A 62 -31.73 -5.65 22.74
N GLY A 63 -30.48 -5.94 22.44
CA GLY A 63 -29.53 -4.92 21.99
C GLY A 63 -29.98 -4.24 20.70
N ALA A 64 -30.49 -5.03 19.76
CA ALA A 64 -30.96 -4.49 18.48
C ALA A 64 -32.18 -3.59 18.70
N GLN A 65 -33.09 -4.01 19.57
CA GLN A 65 -34.25 -3.19 19.90
C GLN A 65 -33.84 -1.87 20.57
N GLU A 66 -32.82 -1.90 21.42
CA GLU A 66 -32.32 -0.64 22.02
C GLU A 66 -31.76 0.28 20.93
N THR A 67 -31.04 -0.29 19.97
CA THR A 67 -30.53 0.51 18.83
C THR A 67 -31.70 1.15 18.09
N LEU A 68 -32.72 0.34 17.80
CA LEU A 68 -33.89 0.83 17.09
C LEU A 68 -34.69 1.85 17.89
N ASN A 69 -34.86 1.62 19.18
CA ASN A 69 -35.54 2.62 20.03
C ASN A 69 -34.86 3.97 19.96
N ALA A 70 -33.53 3.98 20.01
CA ALA A 70 -32.80 5.24 19.96
C ALA A 70 -32.93 5.91 18.59
N ILE A 71 -32.87 5.11 17.53
CA ILE A 71 -33.15 5.63 16.17
C ILE A 71 -34.52 6.32 16.11
N VAL A 72 -35.56 5.62 16.58
CA VAL A 72 -36.94 6.13 16.54
C VAL A 72 -37.09 7.40 17.41
N ALA A 73 -36.56 7.34 18.62
CA ALA A 73 -36.63 8.48 19.55
C ALA A 73 -35.97 9.74 18.98
N ASN A 74 -35.01 9.56 18.09
CA ASN A 74 -34.37 10.71 17.44
C ASN A 74 -35.00 11.11 16.11
N GLY A 75 -36.18 10.57 15.80
CA GLY A 75 -36.92 10.94 14.58
C GLY A 75 -36.55 10.16 13.34
N GLY A 76 -35.84 9.05 13.50
CA GLY A 76 -35.49 8.20 12.36
C GLY A 76 -36.38 6.98 12.22
N ASN A 77 -36.03 6.12 11.26
CA ASN A 77 -36.78 4.91 10.97
C ASN A 77 -35.91 3.70 10.77
N GLY A 78 -36.48 2.54 11.07
CA GLY A 78 -35.78 1.30 10.87
C GLY A 78 -36.62 0.12 11.30
N ARG A 79 -36.04 -1.07 11.17
CA ARG A 79 -36.71 -2.30 11.56
C ARG A 79 -35.68 -3.36 11.90
N LEU A 80 -36.10 -4.31 12.74
CA LEU A 80 -35.23 -5.39 13.14
C LEU A 80 -35.26 -6.51 12.14
N LEU A 81 -34.12 -7.18 11.99
CA LEU A 81 -34.05 -8.47 11.29
C LEU A 81 -32.87 -9.25 11.83
N SER A 82 -32.85 -10.54 11.56
CA SER A 82 -31.90 -11.44 12.16
C SER A 82 -31.45 -12.55 11.22
N PHE A 83 -30.16 -12.86 11.29
CA PHE A 83 -29.60 -14.04 10.66
C PHE A 83 -28.15 -14.24 11.08
N ASP A 84 -27.69 -15.47 10.95
CA ASP A 84 -26.31 -15.88 11.18
C ASP A 84 -25.58 -15.69 9.87
N VAL A 85 -24.59 -14.80 9.85
CA VAL A 85 -23.89 -14.47 8.59
C VAL A 85 -23.03 -15.62 8.08
N ALA A 86 -22.78 -16.61 8.94
CA ALA A 86 -22.11 -17.85 8.53
C ALA A 86 -23.10 -18.84 7.89
N ASN A 87 -24.40 -18.57 7.97
CA ASN A 87 -25.41 -19.51 7.48
C ASN A 87 -25.92 -18.98 6.16
N ARG A 88 -25.37 -19.52 5.09
CA ARG A 88 -25.65 -19.02 3.75
C ARG A 88 -27.13 -19.05 3.39
N GLU A 89 -27.76 -20.20 3.66
CA GLU A 89 -29.17 -20.39 3.30
C GLU A 89 -30.05 -19.43 4.07
N GLN A 90 -29.80 -19.28 5.37
CA GLN A 90 -30.61 -18.39 6.19
C GLN A 90 -30.46 -16.94 5.70
N CYS A 91 -29.23 -16.51 5.39
CA CYS A 91 -29.00 -15.17 4.84
C CYS A 91 -29.81 -14.93 3.57
N ARG A 92 -29.76 -15.87 2.63
CA ARG A 92 -30.50 -15.73 1.38
C ARG A 92 -32.03 -15.67 1.63
N GLU A 93 -32.52 -16.58 2.46
CA GLU A 93 -33.94 -16.64 2.77
C GLU A 93 -34.44 -15.36 3.41
N VAL A 94 -33.78 -14.89 4.47
CA VAL A 94 -34.20 -13.67 5.14
C VAL A 94 -34.10 -12.46 4.20
N LEU A 95 -32.99 -12.35 3.49
CA LEU A 95 -32.75 -11.17 2.67
C LEU A 95 -33.71 -11.11 1.48
N GLU A 96 -33.99 -12.26 0.85
CA GLU A 96 -34.94 -12.29 -0.26
C GLU A 96 -36.34 -11.91 0.23
N HIS A 97 -36.71 -12.38 1.41
CA HIS A 97 -37.98 -11.98 2.01
C HIS A 97 -38.06 -10.49 2.32
N GLU A 98 -37.01 -9.97 2.92
CA GLU A 98 -36.93 -8.54 3.24
C GLU A 98 -37.03 -7.67 1.98
N ILE A 99 -36.33 -8.08 0.94
CA ILE A 99 -36.31 -7.34 -0.32
C ILE A 99 -37.67 -7.44 -1.03
N ALA A 100 -38.30 -8.61 -0.99
CA ALA A 100 -39.65 -8.80 -1.55
C ALA A 100 -40.66 -7.92 -0.86
N GLN A 101 -40.56 -7.84 0.46
CA GLN A 101 -41.53 -7.11 1.24
C GLN A 101 -41.32 -5.60 1.20
N HIS A 102 -40.06 -5.14 1.23
CA HIS A 102 -39.76 -3.72 1.42
C HIS A 102 -39.03 -3.07 0.25
N GLY A 103 -38.64 -3.84 -0.75
CA GLY A 103 -37.78 -3.33 -1.82
C GLY A 103 -36.30 -3.49 -1.54
N ALA A 104 -35.49 -3.24 -2.55
CA ALA A 104 -34.05 -3.40 -2.48
C ALA A 104 -33.43 -2.46 -1.47
N TRP A 105 -32.34 -2.91 -0.84
CA TRP A 105 -31.50 -2.02 -0.05
C TRP A 105 -30.77 -1.07 -0.98
N TYR A 106 -30.61 0.17 -0.56
CA TYR A 106 -29.72 1.14 -1.21
C TYR A 106 -28.29 0.93 -0.73
N GLY A 107 -28.14 0.65 0.57
CA GLY A 107 -26.84 0.44 1.15
C GLY A 107 -26.75 -0.83 1.95
N VAL A 108 -25.54 -1.42 1.98
CA VAL A 108 -25.25 -2.59 2.80
C VAL A 108 -23.97 -2.32 3.53
N VAL A 109 -24.04 -2.36 4.85
CA VAL A 109 -22.86 -2.24 5.69
C VAL A 109 -22.61 -3.58 6.34
N SER A 110 -21.57 -4.26 5.85
CA SER A 110 -21.24 -5.62 6.30
C SER A 110 -20.25 -5.49 7.44
N ASN A 111 -20.81 -5.36 8.64
CA ASN A 111 -20.06 -5.03 9.84
C ASN A 111 -19.85 -6.23 10.77
N ALA A 112 -20.79 -7.16 10.82
CA ALA A 112 -20.67 -8.28 11.78
C ALA A 112 -19.33 -9.01 11.67
N GLY A 113 -18.69 -9.27 12.80
CA GLY A 113 -17.44 -10.01 12.81
C GLY A 113 -17.09 -10.56 14.19
N ILE A 114 -16.20 -11.55 14.21
CA ILE A 114 -15.68 -12.13 15.45
C ILE A 114 -14.17 -12.34 15.36
N ALA A 115 -13.57 -12.54 16.53
CA ALA A 115 -12.18 -12.95 16.66
C ALA A 115 -12.05 -14.21 17.53
N ARG A 116 -11.13 -15.10 17.16
N ARG A 116 -11.13 -15.10 17.16
CA ARG A 116 -10.82 -16.29 17.96
CA ARG A 116 -10.81 -16.29 17.96
C ARG A 116 -9.29 -16.43 17.97
C ARG A 116 -9.29 -16.43 17.97
N ASP A 117 -8.66 -15.67 18.86
CA ASP A 117 -7.21 -15.53 18.87
C ASP A 117 -6.47 -16.70 19.50
N ALA A 118 -5.30 -17.00 18.93
CA ALA A 118 -4.32 -17.93 19.49
C ALA A 118 -3.09 -17.88 18.61
N ALA A 119 -1.94 -18.23 19.17
CA ALA A 119 -0.73 -18.42 18.36
C ALA A 119 -1.01 -19.42 17.23
N PHE A 120 -0.41 -19.19 16.07
CA PHE A 120 -0.70 -19.97 14.88
C PHE A 120 -0.65 -21.49 15.10
N PRO A 121 0.44 -22.00 15.72
CA PRO A 121 0.50 -23.46 15.95
C PRO A 121 -0.51 -24.01 16.96
N ALA A 122 -1.13 -23.14 17.75
CA ALA A 122 -2.13 -23.53 18.75
C ALA A 122 -3.55 -23.27 18.28
N LEU A 123 -3.71 -22.72 17.09
CA LEU A 123 -5.03 -22.38 16.58
C LEU A 123 -5.80 -23.68 16.30
N SER A 124 -6.98 -23.83 16.90
CA SER A 124 -7.82 -25.02 16.66
C SER A 124 -8.52 -24.94 15.30
N ASN A 125 -9.03 -26.09 14.85
CA ASN A 125 -9.85 -26.16 13.64
C ASN A 125 -11.01 -25.17 13.73
N ASP A 126 -11.68 -25.14 14.87
N ASP A 126 -11.68 -25.13 14.87
CA ASP A 126 -12.81 -24.24 15.07
CA ASP A 126 -12.80 -24.21 15.07
C ASP A 126 -12.40 -22.75 15.10
C ASP A 126 -12.38 -22.75 15.08
N ASP A 127 -11.26 -22.44 15.72
CA ASP A 127 -10.72 -21.08 15.72
C ASP A 127 -10.54 -20.55 14.28
N TRP A 128 -9.93 -21.38 13.42
CA TRP A 128 -9.70 -21.00 12.03
C TRP A 128 -11.03 -20.89 11.29
N ASP A 129 -11.80 -21.98 11.29
CA ASP A 129 -13.03 -22.03 10.51
C ASP A 129 -14.07 -21.01 10.94
N ALA A 130 -14.28 -20.83 12.25
CA ALA A 130 -15.29 -19.87 12.70
C ALA A 130 -14.96 -18.45 12.22
N VAL A 131 -13.68 -18.09 12.24
CA VAL A 131 -13.27 -16.73 11.83
C VAL A 131 -13.38 -16.58 10.30
N ILE A 132 -12.90 -17.55 9.54
CA ILE A 132 -13.02 -17.48 8.08
C ILE A 132 -14.48 -17.53 7.63
N HIS A 133 -15.25 -18.48 8.17
CA HIS A 133 -16.68 -18.63 7.82
C HIS A 133 -17.53 -17.47 8.19
N THR A 134 -17.27 -16.87 9.34
CA THR A 134 -18.07 -15.75 9.78
C THR A 134 -17.64 -14.44 9.12
N ASN A 135 -16.35 -14.14 9.17
CA ASN A 135 -15.86 -12.86 8.72
C ASN A 135 -15.73 -12.79 7.21
N LEU A 136 -15.28 -13.84 6.54
CA LEU A 136 -15.04 -13.76 5.10
C LEU A 136 -16.19 -14.29 4.25
N ASP A 137 -16.73 -15.45 4.60
CA ASP A 137 -17.85 -16.03 3.84
C ASP A 137 -19.06 -15.13 3.94
N SER A 138 -19.16 -14.31 4.99
CA SER A 138 -20.26 -13.37 5.13
C SER A 138 -20.34 -12.38 4.01
N PHE A 139 -19.21 -12.09 3.37
CA PHE A 139 -19.19 -11.18 2.20
C PHE A 139 -20.13 -11.75 1.14
N TYR A 140 -19.92 -13.01 0.80
CA TYR A 140 -20.76 -13.70 -0.16
C TYR A 140 -22.19 -13.89 0.35
N ASN A 141 -22.32 -14.41 1.56
CA ASN A 141 -23.63 -14.77 2.12
C ASN A 141 -24.55 -13.56 2.28
N VAL A 142 -24.00 -12.42 2.72
CA VAL A 142 -24.80 -11.25 2.99
C VAL A 142 -24.94 -10.38 1.76
N ILE A 143 -23.84 -10.16 1.05
CA ILE A 143 -23.85 -9.17 -0.04
C ILE A 143 -24.45 -9.71 -1.32
N GLN A 144 -24.20 -10.97 -1.66
CA GLN A 144 -24.67 -11.46 -2.96
C GLN A 144 -26.19 -11.31 -3.17
N PRO A 145 -27.00 -11.67 -2.17
CA PRO A 145 -28.45 -11.53 -2.41
C PRO A 145 -28.93 -10.08 -2.61
N CYS A 146 -28.12 -9.11 -2.19
CA CYS A 146 -28.49 -7.73 -2.25
C CYS A 146 -28.16 -7.05 -3.58
N ILE A 147 -27.31 -7.67 -4.38
CA ILE A 147 -26.76 -6.97 -5.54
C ILE A 147 -27.73 -6.80 -6.71
N MET A 148 -28.31 -7.88 -7.21
CA MET A 148 -29.21 -7.73 -8.36
C MET A 148 -30.38 -6.80 -8.04
N PRO A 149 -30.98 -6.92 -6.84
CA PRO A 149 -32.04 -5.97 -6.52
C PRO A 149 -31.56 -4.52 -6.47
N MET A 150 -30.37 -4.30 -5.92
CA MET A 150 -29.81 -2.95 -5.87
C MET A 150 -29.66 -2.39 -7.29
N ILE A 151 -29.15 -3.22 -8.19
CA ILE A 151 -29.04 -2.86 -9.60
C ILE A 151 -30.44 -2.62 -10.20
N GLY A 152 -31.37 -3.54 -9.92
CA GLY A 152 -32.74 -3.44 -10.44
C GLY A 152 -33.48 -2.19 -10.01
N ALA A 153 -33.18 -1.66 -8.81
CA ALA A 153 -33.82 -0.42 -8.35
C ALA A 153 -33.34 0.84 -9.08
N ARG A 154 -32.17 0.79 -9.71
CA ARG A 154 -31.62 1.91 -10.50
C ARG A 154 -31.42 3.21 -9.70
N GLN A 155 -31.15 3.11 -8.41
CA GLN A 155 -30.84 4.29 -7.60
C GLN A 155 -29.34 4.41 -7.32
N GLY A 156 -28.53 3.54 -7.92
CA GLY A 156 -27.15 3.38 -7.50
C GLY A 156 -27.12 2.72 -6.13
N GLY A 157 -26.02 2.89 -5.41
CA GLY A 157 -25.92 2.24 -4.10
C GLY A 157 -24.58 2.37 -3.41
N ARG A 158 -24.51 1.73 -2.22
CA ARG A 158 -23.34 1.81 -1.37
C ARG A 158 -23.11 0.49 -0.67
N ILE A 159 -21.90 -0.04 -0.83
CA ILE A 159 -21.49 -1.22 -0.10
C ILE A 159 -20.25 -0.84 0.71
N ILE A 160 -20.32 -1.08 2.02
CA ILE A 160 -19.24 -0.78 2.95
C ILE A 160 -18.94 -2.01 3.77
N THR A 161 -17.71 -2.50 3.70
CA THR A 161 -17.28 -3.62 4.52
C THR A 161 -16.37 -3.16 5.66
N LEU A 162 -16.32 -3.96 6.73
CA LEU A 162 -15.48 -3.67 7.88
C LEU A 162 -14.34 -4.67 7.91
N SER A 163 -13.14 -4.16 7.68
CA SER A 163 -11.94 -4.95 7.82
C SER A 163 -11.29 -4.53 9.13
N SER A 164 -9.97 -4.43 9.15
CA SER A 164 -9.23 -4.11 10.35
C SER A 164 -7.80 -3.79 9.96
N VAL A 165 -7.14 -3.02 10.80
CA VAL A 165 -5.72 -2.81 10.67
C VAL A 165 -4.99 -4.16 10.61
N SER A 166 -5.46 -5.19 11.34
CA SER A 166 -4.79 -6.49 11.27
C SER A 166 -4.92 -7.14 9.90
N GLY A 167 -5.96 -6.81 9.15
CA GLY A 167 -6.09 -7.24 7.76
C GLY A 167 -5.12 -6.52 6.81
N VAL A 168 -4.72 -5.30 7.17
CA VAL A 168 -3.79 -4.51 6.34
C VAL A 168 -2.33 -4.89 6.62
N MET A 169 -1.97 -5.02 7.88
CA MET A 169 -0.57 -5.23 8.26
C MET A 169 -0.28 -6.60 8.89
N GLY A 170 -1.32 -7.35 9.25
CA GLY A 170 -1.11 -8.58 10.03
C GLY A 170 -0.98 -8.25 11.50
N ASN A 171 -1.35 -9.19 12.36
CA ASN A 171 -1.23 -9.03 13.80
C ASN A 171 -0.90 -10.38 14.45
N ARG A 172 0.10 -10.38 15.33
CA ARG A 172 0.49 -11.64 15.99
C ARG A 172 -0.67 -12.18 16.82
N GLY A 173 -0.77 -13.50 16.91
CA GLY A 173 -1.83 -14.16 17.64
C GLY A 173 -3.18 -14.15 16.92
N GLN A 174 -3.20 -13.65 15.68
CA GLN A 174 -4.44 -13.51 14.93
C GLN A 174 -4.26 -13.87 13.46
N VAL A 175 -3.54 -14.93 13.14
CA VAL A 175 -3.36 -15.27 11.74
C VAL A 175 -4.72 -15.50 11.06
N ASN A 176 -5.66 -16.13 11.76
CA ASN A 176 -7.01 -16.33 11.22
C ASN A 176 -7.78 -15.02 10.95
N TYR A 177 -7.76 -14.11 11.91
CA TYR A 177 -8.47 -12.85 11.80
C TYR A 177 -7.84 -11.96 10.73
N SER A 178 -6.50 -11.89 10.73
CA SER A 178 -5.76 -11.13 9.72
C SER A 178 -6.09 -11.66 8.33
N ALA A 179 -6.16 -12.97 8.19
CA ALA A 179 -6.50 -13.60 6.90
C ALA A 179 -7.92 -13.24 6.46
N ALA A 180 -8.89 -13.41 7.35
CA ALA A 180 -10.26 -13.10 7.01
C ALA A 180 -10.43 -11.62 6.64
N LYS A 181 -9.83 -10.76 7.44
CA LYS A 181 -10.02 -9.32 7.26
C LYS A 181 -9.30 -8.84 6.02
N ALA A 182 -8.14 -9.43 5.71
CA ALA A 182 -7.46 -9.10 4.45
C ALA A 182 -8.28 -9.62 3.28
N GLY A 183 -8.85 -10.81 3.44
CA GLY A 183 -9.74 -11.36 2.39
C GLY A 183 -10.93 -10.43 2.07
N ILE A 184 -11.51 -9.80 3.09
CA ILE A 184 -12.57 -8.81 2.91
C ILE A 184 -12.11 -7.64 2.01
N ILE A 185 -10.88 -7.17 2.25
CA ILE A 185 -10.30 -6.12 1.43
C ILE A 185 -10.24 -6.53 -0.04
N GLY A 186 -9.72 -7.72 -0.31
CA GLY A 186 -9.65 -8.22 -1.70
C GLY A 186 -11.03 -8.38 -2.37
N ALA A 187 -11.99 -8.92 -1.64
CA ALA A 187 -13.36 -9.05 -2.14
C ALA A 187 -13.96 -7.68 -2.46
N THR A 188 -13.77 -6.74 -1.53
CA THR A 188 -14.26 -5.39 -1.67
C THR A 188 -13.72 -4.70 -2.92
N LYS A 189 -12.41 -4.80 -3.11
CA LYS A 189 -11.80 -4.21 -4.29
C LYS A 189 -12.31 -4.81 -5.59
N ALA A 190 -12.43 -6.13 -5.62
CA ALA A 190 -12.88 -6.79 -6.83
C ALA A 190 -14.32 -6.39 -7.16
N LEU A 191 -15.18 -6.36 -6.14
CA LEU A 191 -16.58 -6.02 -6.38
C LEU A 191 -16.73 -4.55 -6.80
N ALA A 192 -15.91 -3.67 -6.24
CA ALA A 192 -15.88 -2.26 -6.64
C ALA A 192 -15.75 -2.15 -8.17
N ILE A 193 -14.81 -2.89 -8.74
CA ILE A 193 -14.56 -2.82 -10.19
C ILE A 193 -15.79 -3.30 -10.95
N GLU A 194 -16.40 -4.40 -10.51
CA GLU A 194 -17.60 -4.93 -11.20
C GLU A 194 -18.79 -3.95 -11.18
N LEU A 195 -18.97 -3.23 -10.08
CA LEU A 195 -20.18 -2.41 -9.89
C LEU A 195 -20.02 -0.93 -10.22
N ALA A 196 -18.83 -0.53 -10.63
CA ALA A 196 -18.50 0.88 -10.82
C ALA A 196 -19.43 1.53 -11.85
N LYS A 197 -19.65 0.85 -12.97
CA LYS A 197 -20.55 1.35 -14.03
C LYS A 197 -21.98 1.43 -13.61
N ARG A 198 -22.36 0.74 -12.54
N ARG A 198 -22.35 0.73 -12.54
CA ARG A 198 -23.72 0.78 -12.07
CA ARG A 198 -23.72 0.76 -12.07
C ARG A 198 -23.95 1.78 -10.93
C ARG A 198 -23.95 1.77 -10.94
N LYS A 199 -22.96 2.64 -10.68
CA LYS A 199 -23.04 3.71 -9.69
C LYS A 199 -23.27 3.18 -8.28
N ILE A 200 -22.70 2.01 -8.02
CA ILE A 200 -22.64 1.46 -6.69
C ILE A 200 -21.18 1.53 -6.29
N THR A 201 -20.88 2.25 -5.21
CA THR A 201 -19.52 2.26 -4.70
C THR A 201 -19.34 1.13 -3.70
N VAL A 202 -18.13 0.62 -3.64
CA VAL A 202 -17.78 -0.47 -2.76
C VAL A 202 -16.44 -0.11 -2.10
N ASN A 203 -16.47 0.06 -0.79
CA ASN A 203 -15.30 0.46 -0.02
C ASN A 203 -15.24 -0.30 1.28
N CYS A 204 -14.07 -0.26 1.89
CA CYS A 204 -13.79 -0.94 3.12
C CYS A 204 -13.30 0.05 4.17
N ILE A 205 -13.83 -0.07 5.39
CA ILE A 205 -13.28 0.66 6.53
C ILE A 205 -12.43 -0.30 7.36
N ALA A 206 -11.19 0.09 7.65
CA ALA A 206 -10.28 -0.68 8.48
C ALA A 206 -10.00 0.08 9.79
N PRO A 207 -10.80 -0.17 10.83
CA PRO A 207 -10.50 0.50 12.10
C PRO A 207 -9.26 -0.08 12.77
N GLY A 208 -8.58 0.74 13.57
CA GLY A 208 -7.56 0.29 14.47
C GLY A 208 -8.27 -0.22 15.74
N LEU A 209 -7.78 0.16 16.90
CA LEU A 209 -8.36 -0.30 18.15
C LEU A 209 -9.52 0.61 18.55
N ILE A 210 -10.73 0.03 18.60
CA ILE A 210 -11.95 0.76 18.91
C ILE A 210 -12.57 0.25 20.22
N ASP A 211 -12.99 1.17 21.06
CA ASP A 211 -13.52 0.85 22.39
C ASP A 211 -14.93 0.22 22.31
N THR A 212 -14.98 -1.09 22.19
CA THR A 212 -16.24 -1.86 22.20
C THR A 212 -16.08 -3.11 23.04
N GLY A 213 -17.14 -3.91 23.14
CA GLY A 213 -17.08 -5.21 23.82
C GLY A 213 -16.17 -6.25 23.17
N MET A 214 -15.81 -6.07 21.90
CA MET A 214 -14.95 -7.04 21.22
C MET A 214 -13.55 -7.09 21.84
N ILE A 215 -13.08 -5.95 22.33
CA ILE A 215 -11.76 -5.78 22.93
C ILE A 215 -11.76 -6.14 24.42
N GLU A 216 -11.01 -7.19 24.78
CA GLU A 216 -10.81 -7.54 26.20
C GLU A 216 -9.32 -7.70 26.46
N MET A 217 -8.69 -6.65 27.01
CA MET A 217 -7.26 -6.66 27.27
C MET A 217 -6.96 -6.32 28.73
N GLU A 218 -5.94 -6.99 29.29
CA GLU A 218 -5.35 -6.59 30.57
C GLU A 218 -4.70 -5.20 30.40
N GLU A 219 -4.42 -4.54 31.52
CA GLU A 219 -3.75 -3.24 31.50
C GLU A 219 -2.39 -3.34 30.80
N SER A 220 -1.65 -4.42 31.06
CA SER A 220 -0.36 -4.63 30.40
C SER A 220 -0.49 -4.66 28.88
N ALA A 221 -1.43 -5.46 28.40
CA ALA A 221 -1.66 -5.60 26.95
C ALA A 221 -2.14 -4.28 26.32
N LEU A 222 -2.99 -3.55 27.04
CA LEU A 222 -3.46 -2.22 26.58
C LEU A 222 -2.30 -1.26 26.35
N LYS A 223 -1.39 -1.21 27.31
CA LYS A 223 -0.18 -0.37 27.22
C LYS A 223 0.64 -0.70 25.97
N GLU A 224 0.89 -1.99 25.73
CA GLU A 224 1.62 -2.40 24.52
C GLU A 224 0.91 -1.93 23.25
N ALA A 225 -0.42 -2.08 23.22
CA ALA A 225 -1.22 -1.62 22.07
C ALA A 225 -1.12 -0.09 21.88
N MET A 226 -1.31 0.66 22.97
CA MET A 226 -1.21 2.13 22.94
C MET A 226 0.13 2.65 22.45
N SER A 227 1.20 1.94 22.73
CA SER A 227 2.53 2.39 22.33
C SER A 227 2.67 2.45 20.82
N MET A 228 1.86 1.69 20.10
CA MET A 228 1.87 1.68 18.64
C MET A 228 0.88 2.68 18.01
N ILE A 229 0.16 3.41 18.86
CA ILE A 229 -0.87 4.34 18.37
C ILE A 229 -0.41 5.75 18.68
N PRO A 230 0.01 6.51 17.65
CA PRO A 230 0.50 7.87 17.89
C PRO A 230 -0.47 8.74 18.67
N MET A 231 -1.77 8.58 18.45
CA MET A 231 -2.75 9.36 19.22
C MET A 231 -2.94 8.89 20.68
N LYS A 232 -2.35 7.75 21.05
CA LYS A 232 -2.38 7.29 22.44
C LYS A 232 -3.78 7.18 23.03
N ARG A 233 -4.74 6.75 22.22
CA ARG A 233 -6.07 6.46 22.70
C ARG A 233 -6.73 5.48 21.73
N MET A 234 -7.76 4.81 22.21
CA MET A 234 -8.65 4.02 21.38
C MET A 234 -9.56 4.94 20.57
N GLY A 235 -10.04 4.45 19.44
CA GLY A 235 -11.11 5.14 18.73
C GLY A 235 -12.44 4.84 19.41
N GLN A 236 -13.43 5.67 19.13
CA GLN A 236 -14.80 5.43 19.58
C GLN A 236 -15.63 4.92 18.40
N ALA A 237 -16.61 4.08 18.71
CA ALA A 237 -17.52 3.55 17.70
C ALA A 237 -18.10 4.69 16.82
N GLU A 238 -18.45 5.80 17.45
CA GLU A 238 -19.03 6.95 16.77
C GLU A 238 -18.10 7.56 15.70
N GLU A 239 -16.80 7.45 15.93
CA GLU A 239 -15.84 7.92 14.96
C GLU A 239 -15.86 7.02 13.72
N VAL A 240 -15.94 5.72 13.94
CA VAL A 240 -16.05 4.80 12.81
C VAL A 240 -17.36 5.09 12.04
N ALA A 241 -18.43 5.36 12.77
CA ALA A 241 -19.71 5.72 12.17
C ALA A 241 -19.65 7.00 11.31
N GLY A 242 -18.82 7.96 11.71
CA GLY A 242 -18.63 9.19 10.95
C GLY A 242 -18.03 8.93 9.58
N LEU A 243 -17.11 7.99 9.51
CA LEU A 243 -16.51 7.61 8.25
C LEU A 243 -17.51 6.88 7.36
N ALA A 244 -18.30 5.98 7.96
CA ALA A 244 -19.35 5.29 7.22
C ALA A 244 -20.36 6.29 6.66
N SER A 245 -20.68 7.30 7.46
CA SER A 245 -21.61 8.37 7.04
C SER A 245 -21.08 9.13 5.79
N TYR A 246 -19.79 9.45 5.78
CA TYR A 246 -19.16 10.06 4.61
C TYR A 246 -19.26 9.14 3.38
N LEU A 247 -18.86 7.88 3.52
CA LEU A 247 -18.92 6.97 2.38
C LEU A 247 -20.33 6.75 1.86
N MET A 248 -21.32 6.74 2.77
CA MET A 248 -22.71 6.59 2.40
C MET A 248 -23.30 7.80 1.69
N SER A 249 -22.71 8.98 1.86
CA SER A 249 -23.29 10.22 1.34
C SER A 249 -23.19 10.30 -0.18
N ASP A 250 -24.06 11.09 -0.77
CA ASP A 250 -24.11 11.28 -2.22
C ASP A 250 -22.80 11.88 -2.76
N ILE A 251 -22.17 12.76 -2.01
CA ILE A 251 -20.95 13.44 -2.47
C ILE A 251 -19.72 12.50 -2.58
N ALA A 252 -19.84 11.29 -2.03
CA ALA A 252 -18.78 10.30 -2.05
C ALA A 252 -18.91 9.30 -3.20
N GLY A 253 -19.64 9.68 -4.24
CA GLY A 253 -19.92 8.79 -5.39
C GLY A 253 -18.72 8.43 -6.25
N TYR A 254 -17.60 9.14 -6.10
CA TYR A 254 -16.40 8.85 -6.89
C TYR A 254 -15.35 8.08 -6.09
N VAL A 255 -15.66 7.79 -4.83
CA VAL A 255 -14.77 7.04 -3.96
C VAL A 255 -15.19 5.58 -4.02
N THR A 256 -14.35 4.76 -4.63
CA THR A 256 -14.65 3.34 -4.70
C THR A 256 -13.34 2.56 -4.78
N ARG A 257 -13.42 1.29 -4.39
CA ARG A 257 -12.29 0.38 -4.39
C ARG A 257 -11.25 0.72 -3.28
N GLN A 258 -11.62 1.52 -2.28
CA GLN A 258 -10.70 1.99 -1.27
C GLN A 258 -10.82 1.23 0.07
N VAL A 259 -9.68 1.09 0.73
CA VAL A 259 -9.62 0.74 2.13
C VAL A 259 -9.21 2.00 2.87
N ILE A 260 -10.10 2.51 3.71
CA ILE A 260 -9.80 3.72 4.48
C ILE A 260 -9.62 3.33 5.94
N SER A 261 -8.46 3.66 6.49
CA SER A 261 -8.10 3.26 7.85
C SER A 261 -8.37 4.39 8.84
N ILE A 262 -9.01 4.05 9.95
CA ILE A 262 -9.31 5.00 11.01
C ILE A 262 -8.70 4.39 12.28
N ASN A 263 -7.49 4.86 12.61
CA ASN A 263 -6.65 4.11 13.54
C ASN A 263 -5.68 4.93 14.38
N GLY A 264 -5.92 6.24 14.47
CA GLY A 264 -5.09 7.08 15.29
C GLY A 264 -3.65 7.17 14.85
N GLY A 265 -3.40 6.86 13.58
CA GLY A 265 -2.07 6.95 13.00
C GLY A 265 -1.20 5.70 13.12
N MET A 266 -1.80 4.58 13.51
CA MET A 266 -1.06 3.32 13.63
C MET A 266 -0.26 3.00 12.38
N LEU A 267 -0.88 3.22 11.24
CA LEU A 267 -0.30 2.87 9.94
C LEU A 267 -1.06 3.61 8.80
N SER B 26 30.59 -7.39 -21.36
CA SER B 26 30.86 -6.73 -20.05
C SER B 26 29.89 -5.59 -19.81
N ARG B 27 29.06 -5.75 -18.79
CA ARG B 27 28.06 -4.76 -18.49
C ARG B 27 28.52 -3.96 -17.28
N SER B 28 28.44 -2.64 -17.40
CA SER B 28 28.88 -1.77 -16.32
C SER B 28 27.69 -1.22 -15.51
N VAL B 29 27.94 -1.03 -14.22
CA VAL B 29 26.94 -0.56 -13.27
C VAL B 29 27.55 0.57 -12.46
N LEU B 30 26.90 1.72 -12.49
CA LEU B 30 27.25 2.85 -11.65
C LEU B 30 26.62 2.66 -10.30
N VAL B 31 27.42 2.75 -9.24
CA VAL B 31 26.91 2.70 -7.88
C VAL B 31 27.31 3.99 -7.18
N THR B 32 26.35 4.89 -6.96
CA THR B 32 26.64 6.11 -6.21
C THR B 32 26.79 5.81 -4.72
N GLY B 33 27.62 6.59 -4.05
CA GLY B 33 27.94 6.38 -2.65
C GLY B 33 28.56 5.04 -2.34
N ALA B 34 29.52 4.62 -3.16
CA ALA B 34 30.15 3.30 -3.04
C ALA B 34 31.40 3.31 -2.14
N SER B 35 31.68 4.45 -1.53
CA SER B 35 32.83 4.61 -0.63
C SER B 35 32.60 4.05 0.77
N LYS B 36 31.35 3.76 1.11
CA LYS B 36 31.02 3.19 2.42
C LYS B 36 29.60 2.56 2.45
N GLY B 37 29.30 1.90 3.56
CA GLY B 37 27.94 1.47 3.86
C GLY B 37 27.30 0.61 2.80
N ILE B 38 26.04 0.92 2.51
CA ILE B 38 25.24 0.11 1.59
C ILE B 38 25.82 0.15 0.18
N GLY B 39 26.26 1.33 -0.26
CA GLY B 39 26.83 1.47 -1.60
C GLY B 39 28.06 0.60 -1.81
N ARG B 40 28.96 0.61 -0.82
CA ARG B 40 30.11 -0.28 -0.86
C ARG B 40 29.69 -1.73 -1.00
N ALA B 41 28.74 -2.14 -0.17
CA ALA B 41 28.32 -3.55 -0.16
C ALA B 41 27.69 -3.91 -1.51
N ILE B 42 26.89 -3.01 -2.06
CA ILE B 42 26.29 -3.23 -3.38
C ILE B 42 27.38 -3.34 -4.45
N ALA B 43 28.34 -2.42 -4.42
CA ALA B 43 29.46 -2.45 -5.35
C ALA B 43 30.18 -3.81 -5.31
N ARG B 44 30.49 -4.28 -4.10
CA ARG B 44 31.20 -5.56 -3.96
C ARG B 44 30.40 -6.71 -4.51
N GLN B 45 29.12 -6.78 -4.16
CA GLN B 45 28.29 -7.89 -4.59
C GLN B 45 28.09 -7.92 -6.10
N LEU B 46 27.80 -6.77 -6.69
CA LEU B 46 27.59 -6.72 -8.14
C LEU B 46 28.88 -7.00 -8.91
N ALA B 47 30.01 -6.60 -8.36
CA ALA B 47 31.31 -6.96 -8.95
C ALA B 47 31.52 -8.48 -8.94
N ALA B 48 31.24 -9.11 -7.79
CA ALA B 48 31.27 -10.56 -7.67
C ALA B 48 30.32 -11.24 -8.67
N ASP B 49 29.16 -10.62 -8.92
CA ASP B 49 28.21 -11.10 -9.93
C ASP B 49 28.76 -10.96 -11.35
N GLY B 50 29.83 -10.19 -11.53
CA GLY B 50 30.50 -10.07 -12.83
C GLY B 50 30.33 -8.72 -13.51
N PHE B 51 29.61 -7.80 -12.90
CA PHE B 51 29.45 -6.46 -13.45
C PHE B 51 30.71 -5.62 -13.22
N ASN B 52 31.04 -4.79 -14.21
CA ASN B 52 32.09 -3.80 -14.09
C ASN B 52 31.54 -2.57 -13.35
N ILE B 53 32.13 -2.21 -12.21
CA ILE B 53 31.54 -1.21 -11.32
C ILE B 53 32.15 0.20 -11.41
N GLY B 54 31.29 1.20 -11.63
CA GLY B 54 31.64 2.58 -11.42
C GLY B 54 31.52 2.85 -9.94
N VAL B 55 32.66 2.87 -9.26
CA VAL B 55 32.71 3.09 -7.83
C VAL B 55 32.72 4.59 -7.57
N HIS B 56 31.52 5.12 -7.32
CA HIS B 56 31.37 6.57 -7.15
C HIS B 56 31.58 6.99 -5.69
N TYR B 57 32.16 8.18 -5.51
CA TYR B 57 32.24 8.81 -4.20
C TYR B 57 32.03 10.30 -4.32
N HIS B 58 31.74 10.96 -3.21
CA HIS B 58 31.61 12.40 -3.20
C HIS B 58 32.94 12.99 -2.77
N ARG B 59 33.31 12.81 -1.51
CA ARG B 59 34.55 13.33 -0.95
C ARG B 59 35.49 12.24 -0.41
N ASP B 60 34.98 11.05 -0.14
CA ASP B 60 35.77 10.00 0.52
C ASP B 60 36.50 9.13 -0.52
N ALA B 61 37.54 9.71 -1.12
CA ALA B 61 38.34 9.02 -2.14
C ALA B 61 38.99 7.73 -1.61
N ALA B 62 39.53 7.81 -0.39
CA ALA B 62 40.19 6.68 0.25
C ALA B 62 39.22 5.51 0.43
N GLY B 63 38.01 5.82 0.89
CA GLY B 63 36.99 4.80 1.04
C GLY B 63 36.63 4.14 -0.28
N ALA B 64 36.51 4.95 -1.34
CA ALA B 64 36.17 4.42 -2.66
C ALA B 64 37.29 3.51 -3.18
N GLN B 65 38.53 3.93 -2.97
CA GLN B 65 39.67 3.11 -3.37
C GLN B 65 39.71 1.77 -2.61
N GLU B 66 39.37 1.81 -1.33
CA GLU B 66 39.28 0.58 -0.53
C GLU B 66 38.21 -0.35 -1.11
N THR B 67 37.06 0.21 -1.49
CA THR B 67 36.02 -0.58 -2.15
C THR B 67 36.54 -1.21 -3.43
N LEU B 68 37.19 -0.40 -4.26
CA LEU B 68 37.75 -0.90 -5.51
C LEU B 68 38.84 -1.93 -5.29
N ASN B 69 39.74 -1.70 -4.33
CA ASN B 69 40.82 -2.66 -4.05
C ASN B 69 40.21 -4.04 -3.72
N ALA B 70 39.14 -4.05 -2.94
CA ALA B 70 38.50 -5.31 -2.55
C ALA B 70 37.82 -5.97 -3.76
N ILE B 71 37.19 -5.17 -4.61
CA ILE B 71 36.65 -5.68 -5.87
C ILE B 71 37.72 -6.37 -6.72
N VAL B 72 38.84 -5.67 -6.91
CA VAL B 72 39.92 -6.18 -7.75
C VAL B 72 40.56 -7.43 -7.14
N ALA B 73 40.81 -7.40 -5.84
CA ALA B 73 41.42 -8.53 -5.13
C ALA B 73 40.57 -9.79 -5.21
N ASN B 74 39.26 -9.63 -5.39
CA ASN B 74 38.36 -10.77 -5.56
C ASN B 74 38.12 -11.15 -7.02
N GLY B 75 38.92 -10.60 -7.95
CA GLY B 75 38.84 -10.98 -9.36
C GLY B 75 37.80 -10.20 -10.16
N GLY B 76 37.32 -9.09 -9.62
CA GLY B 76 36.37 -8.24 -10.34
C GLY B 76 37.02 -7.01 -10.95
N ASN B 77 36.20 -6.15 -11.53
CA ASN B 77 36.66 -4.96 -12.23
C ASN B 77 35.83 -3.73 -11.89
N GLY B 78 36.46 -2.57 -11.97
CA GLY B 78 35.77 -1.31 -11.73
C GLY B 78 36.70 -0.13 -11.85
N ARG B 79 36.16 1.06 -11.63
CA ARG B 79 36.93 2.28 -11.67
C ARG B 79 36.29 3.34 -10.79
N LEU B 80 37.11 4.26 -10.30
CA LEU B 80 36.64 5.34 -9.47
C LEU B 80 36.09 6.48 -10.32
N LEU B 81 35.05 7.13 -9.81
CA LEU B 81 34.59 8.40 -10.35
C LEU B 81 33.91 9.19 -9.23
N SER B 82 33.75 10.49 -9.44
CA SER B 82 33.35 11.37 -8.38
C SER B 82 32.44 12.49 -8.88
N PHE B 83 31.42 12.78 -8.09
CA PHE B 83 30.60 13.98 -8.28
C PHE B 83 29.68 14.19 -7.09
N ASP B 84 29.24 15.43 -6.94
CA ASP B 84 28.22 15.82 -5.97
C ASP B 84 26.84 15.61 -6.62
N VAL B 85 26.03 14.69 -6.08
CA VAL B 85 24.73 14.37 -6.71
C VAL B 85 23.73 15.53 -6.63
N ALA B 86 24.01 16.51 -5.78
CA ALA B 86 23.25 17.75 -5.74
C ALA B 86 23.68 18.75 -6.80
N ASN B 87 24.80 18.49 -7.48
CA ASN B 87 25.35 19.42 -8.47
C ASN B 87 25.02 18.91 -9.85
N ARG B 88 23.97 19.45 -10.42
CA ARG B 88 23.43 18.94 -11.66
C ARG B 88 24.45 19.00 -12.80
N GLU B 89 25.11 20.15 -12.94
CA GLU B 89 26.04 20.35 -14.04
C GLU B 89 27.21 19.40 -13.92
N GLN B 90 27.74 19.24 -12.71
CA GLN B 90 28.86 18.34 -12.53
C GLN B 90 28.47 16.90 -12.85
N CYS B 91 27.30 16.46 -12.40
CA CYS B 91 26.80 15.14 -12.73
C CYS B 91 26.74 14.91 -14.24
N ARG B 92 26.13 15.83 -14.97
CA ARG B 92 26.02 15.72 -16.42
C ARG B 92 27.41 15.65 -17.06
N GLU B 93 28.29 16.56 -16.67
CA GLU B 93 29.65 16.61 -17.24
C GLU B 93 30.44 15.34 -17.02
N VAL B 94 30.50 14.87 -15.77
CA VAL B 94 31.25 13.65 -15.47
C VAL B 94 30.62 12.45 -16.18
N LEU B 95 29.29 12.33 -16.13
CA LEU B 95 28.64 11.15 -16.69
C LEU B 95 28.73 11.11 -18.20
N GLU B 96 28.58 12.26 -18.86
CA GLU B 96 28.73 12.31 -20.33
C GLU B 96 30.15 11.91 -20.74
N HIS B 97 31.14 12.38 -19.97
CA HIS B 97 32.54 12.01 -20.21
C HIS B 97 32.77 10.50 -20.03
N GLU B 98 32.25 9.97 -18.93
CA GLU B 98 32.36 8.55 -18.65
C GLU B 98 31.73 7.70 -19.75
N ILE B 99 30.56 8.13 -20.21
CA ILE B 99 29.83 7.38 -21.23
C ILE B 99 30.53 7.47 -22.59
N ALA B 100 31.08 8.65 -22.90
CA ALA B 100 31.85 8.84 -24.14
C ALA B 100 33.11 7.97 -24.14
N GLN B 101 33.78 7.89 -23.00
CA GLN B 101 35.03 7.14 -22.90
C GLN B 101 34.81 5.63 -22.79
N HIS B 102 33.79 5.18 -22.07
CA HIS B 102 33.60 3.74 -21.74
C HIS B 102 32.30 3.10 -22.23
N GLY B 103 31.41 3.88 -22.84
CA GLY B 103 30.13 3.36 -23.28
C GLY B 103 29.05 3.49 -22.20
N ALA B 104 27.81 3.23 -22.59
CA ALA B 104 26.67 3.40 -21.71
C ALA B 104 26.75 2.47 -20.52
N TRP B 105 26.21 2.92 -19.38
CA TRP B 105 25.99 2.04 -18.24
C TRP B 105 24.86 1.09 -18.58
N TYR B 106 24.99 -0.17 -18.13
CA TYR B 106 23.89 -1.12 -18.17
C TYR B 106 22.99 -0.92 -16.96
N GLY B 107 23.61 -0.64 -15.81
CA GLY B 107 22.87 -0.45 -14.58
C GLY B 107 23.26 0.83 -13.88
N VAL B 108 22.28 1.39 -13.16
CA VAL B 108 22.53 2.53 -12.32
C VAL B 108 21.88 2.26 -10.98
N VAL B 109 22.70 2.29 -9.92
CA VAL B 109 22.22 2.18 -8.56
C VAL B 109 22.39 3.53 -7.89
N SER B 110 21.26 4.21 -7.69
CA SER B 110 21.24 5.55 -7.12
C SER B 110 21.08 5.42 -5.62
N ASN B 111 22.23 5.28 -4.96
CA ASN B 111 22.30 4.92 -3.54
C ASN B 111 22.67 6.10 -2.63
N ALA B 112 23.47 7.05 -3.12
CA ALA B 112 23.93 8.15 -2.28
C ALA B 112 22.74 8.84 -1.59
N GLY B 113 22.90 9.10 -0.29
CA GLY B 113 21.87 9.84 0.44
C GLY B 113 22.37 10.37 1.78
N ILE B 114 21.64 11.35 2.32
CA ILE B 114 21.94 11.93 3.63
C ILE B 114 20.67 12.16 4.42
N ALA B 115 20.84 12.35 5.74
CA ALA B 115 19.78 12.76 6.64
C ALA B 115 20.18 13.99 7.43
N ARG B 116 19.23 14.88 7.68
N ARG B 116 19.23 14.89 7.68
CA ARG B 116 19.44 16.06 8.53
CA ARG B 116 19.43 16.06 8.53
C ARG B 116 18.19 16.21 9.41
C ARG B 116 18.20 16.21 9.42
N ASP B 117 18.19 15.45 10.51
CA ASP B 117 16.99 15.28 11.34
C ASP B 117 16.75 16.44 12.30
N ALA B 118 15.47 16.76 12.50
CA ALA B 118 15.00 17.69 13.51
C ALA B 118 13.48 17.65 13.49
N ALA B 119 12.87 18.02 14.61
CA ALA B 119 11.43 18.21 14.65
C ALA B 119 11.02 19.20 13.56
N PHE B 120 9.85 18.97 12.95
CA PHE B 120 9.42 19.77 11.81
C PHE B 120 9.52 21.28 12.04
N PRO B 121 9.00 21.79 13.17
CA PRO B 121 9.06 23.26 13.41
C PRO B 121 10.47 23.79 13.66
N ALA B 122 11.43 22.92 13.93
CA ALA B 122 12.81 23.29 14.18
C ALA B 122 13.72 23.06 12.97
N LEU B 123 13.18 22.49 11.89
CA LEU B 123 13.96 22.15 10.72
C LEU B 123 14.44 23.45 10.03
N SER B 124 15.75 23.58 9.85
CA SER B 124 16.31 24.78 9.21
C SER B 124 16.10 24.71 7.70
N ASN B 125 16.26 25.86 7.05
CA ASN B 125 16.24 25.94 5.60
C ASN B 125 17.23 24.95 4.99
N ASP B 126 18.44 24.90 5.54
CA ASP B 126 19.48 24.01 5.06
C ASP B 126 19.16 22.53 5.30
N ASP B 127 18.58 22.22 6.46
CA ASP B 127 18.11 20.85 6.74
C ASP B 127 17.14 20.36 5.66
N TRP B 128 16.14 21.18 5.34
CA TRP B 128 15.16 20.81 4.33
C TRP B 128 15.81 20.71 2.96
N ASP B 129 16.45 21.80 2.52
CA ASP B 129 17.00 21.86 1.17
C ASP B 129 18.09 20.82 0.92
N ALA B 130 19.01 20.62 1.86
CA ALA B 130 20.09 19.67 1.64
C ALA B 130 19.54 18.26 1.42
N VAL B 131 18.50 17.89 2.17
CA VAL B 131 17.92 16.55 2.07
C VAL B 131 17.13 16.40 0.77
N ILE B 132 16.29 17.38 0.43
CA ILE B 132 15.55 17.33 -0.82
C ILE B 132 16.51 17.38 -2.05
N HIS B 133 17.44 18.33 -2.04
CA HIS B 133 18.39 18.50 -3.17
C HIS B 133 19.28 17.31 -3.37
N THR B 134 19.73 16.71 -2.28
CA THR B 134 20.66 15.61 -2.39
C THR B 134 19.93 14.31 -2.67
N ASN B 135 18.90 14.01 -1.88
CA ASN B 135 18.24 12.74 -2.00
C ASN B 135 17.30 12.67 -3.18
N LEU B 136 16.53 13.73 -3.45
CA LEU B 136 15.51 13.63 -4.47
C LEU B 136 15.98 14.17 -5.83
N ASP B 137 16.60 15.35 -5.85
CA ASP B 137 17.07 15.94 -7.12
C ASP B 137 18.12 15.05 -7.76
N SER B 138 18.81 14.23 -6.95
CA SER B 138 19.79 13.28 -7.49
C SER B 138 19.19 12.29 -8.47
N PHE B 139 17.91 11.98 -8.33
CA PHE B 139 17.23 11.10 -9.28
C PHE B 139 17.38 11.68 -10.69
N TYR B 140 17.04 12.95 -10.82
CA TYR B 140 17.15 13.63 -12.11
C TYR B 140 18.62 13.81 -12.51
N ASN B 141 19.41 14.34 -11.58
CA ASN B 141 20.81 14.71 -11.88
C ASN B 141 21.66 13.51 -12.28
N VAL B 142 21.45 12.38 -11.61
CA VAL B 142 22.27 11.20 -11.88
C VAL B 142 21.68 10.37 -13.00
N ILE B 143 20.37 10.15 -12.96
CA ILE B 143 19.77 9.14 -13.84
C ILE B 143 19.52 9.69 -15.24
N GLN B 144 19.10 10.95 -15.37
CA GLN B 144 18.75 11.44 -16.69
C GLN B 144 19.88 11.31 -17.73
N PRO B 145 21.13 11.68 -17.37
CA PRO B 145 22.18 11.54 -18.39
C PRO B 145 22.47 10.10 -18.82
N CYS B 146 22.04 9.13 -18.01
CA CYS B 146 22.29 7.72 -18.30
C CYS B 146 21.24 7.06 -19.21
N ILE B 147 20.07 7.69 -19.37
CA ILE B 147 18.93 6.99 -19.98
C ILE B 147 19.04 6.83 -21.49
N MET B 148 19.24 7.92 -22.24
CA MET B 148 19.32 7.78 -23.69
C MET B 148 20.46 6.85 -24.12
N PRO B 149 21.65 6.96 -23.49
CA PRO B 149 22.69 5.99 -23.84
C PRO B 149 22.33 4.54 -23.50
N MET B 150 21.67 4.31 -22.37
CA MET B 150 21.22 2.96 -22.01
C MET B 150 20.27 2.43 -23.07
N ILE B 151 19.33 3.27 -23.50
CA ILE B 151 18.40 2.92 -24.58
C ILE B 151 19.16 2.68 -25.88
N GLY B 152 20.08 3.60 -26.21
CA GLY B 152 20.87 3.50 -27.44
C GLY B 152 21.67 2.21 -27.53
N ALA B 153 22.16 1.70 -26.40
CA ALA B 153 22.98 0.49 -26.41
C ALA B 153 22.16 -0.79 -26.71
N ARG B 154 20.85 -0.73 -26.52
CA ARG B 154 19.94 -1.86 -26.82
C ARG B 154 20.27 -3.16 -26.10
N GLN B 155 20.86 -3.09 -24.90
CA GLN B 155 21.04 -4.30 -24.09
C GLN B 155 20.01 -4.40 -22.96
N GLY B 156 19.02 -3.52 -22.97
CA GLY B 156 18.14 -3.38 -21.83
C GLY B 156 18.91 -2.74 -20.69
N GLY B 157 18.43 -2.90 -19.46
CA GLY B 157 19.09 -2.25 -18.35
C GLY B 157 18.42 -2.40 -17.01
N ARG B 158 19.04 -1.78 -16.01
CA ARG B 158 18.57 -1.85 -14.64
C ARG B 158 18.79 -0.51 -13.95
N ILE B 159 17.72 0.01 -13.36
CA ILE B 159 17.80 1.16 -12.49
C ILE B 159 17.25 0.75 -11.13
N ILE B 160 18.08 0.97 -10.10
CA ILE B 160 17.70 0.69 -8.73
C ILE B 160 17.91 1.94 -7.89
N THR B 161 16.86 2.40 -7.22
CA THR B 161 16.96 3.53 -6.31
C THR B 161 16.91 3.05 -4.86
N LEU B 162 17.47 3.87 -3.97
CA LEU B 162 17.43 3.58 -2.55
C LEU B 162 16.49 4.58 -1.88
N SER B 163 15.38 4.06 -1.35
CA SER B 163 14.48 4.85 -0.55
C SER B 163 14.69 4.37 0.90
N SER B 164 13.62 4.26 1.66
CA SER B 164 13.70 3.93 3.08
C SER B 164 12.31 3.64 3.59
N VAL B 165 12.23 2.86 4.66
CA VAL B 165 10.98 2.66 5.37
C VAL B 165 10.35 4.01 5.78
N SER B 166 11.16 5.01 6.11
CA SER B 166 10.58 6.33 6.42
C SER B 166 9.88 6.99 5.23
N GLY B 167 10.32 6.66 4.01
CA GLY B 167 9.64 7.09 2.80
C GLY B 167 8.32 6.39 2.56
N VAL B 168 8.18 5.16 3.08
CA VAL B 168 6.93 4.39 2.95
C VAL B 168 5.89 4.78 4.01
N MET B 169 6.32 4.93 5.27
CA MET B 169 5.40 5.11 6.39
C MET B 169 5.56 6.45 7.11
N GLY B 170 6.61 7.20 6.81
CA GLY B 170 6.89 8.44 7.54
C GLY B 170 7.62 8.09 8.83
N ASN B 171 8.42 9.03 9.31
CA ASN B 171 9.13 8.88 10.57
C ASN B 171 9.24 10.22 11.28
N ARG B 172 8.92 10.23 12.57
CA ARG B 172 8.99 11.46 13.36
C ARG B 172 10.43 11.98 13.39
N GLY B 173 10.56 13.30 13.42
CA GLY B 173 11.86 13.95 13.40
C GLY B 173 12.55 13.94 12.04
N GLN B 174 11.86 13.46 11.02
CA GLN B 174 12.45 13.31 9.68
C GLN B 174 11.48 13.69 8.58
N VAL B 175 10.70 14.74 8.74
CA VAL B 175 9.75 15.09 7.70
C VAL B 175 10.48 15.32 6.34
N ASN B 176 11.65 15.92 6.40
CA ASN B 176 12.45 16.15 5.18
C ASN B 176 12.91 14.85 4.50
N TYR B 177 13.44 13.92 5.30
CA TYR B 177 13.96 12.66 4.78
C TYR B 177 12.82 11.78 4.27
N SER B 178 11.72 11.72 5.03
CA SER B 178 10.55 10.96 4.61
C SER B 178 10.03 11.52 3.27
N ALA B 179 9.98 12.84 3.15
CA ALA B 179 9.53 13.48 1.91
C ALA B 179 10.46 13.09 0.74
N ALA B 180 11.76 13.25 0.91
CA ALA B 180 12.71 12.95 -0.16
C ALA B 180 12.64 11.50 -0.56
N LYS B 181 12.61 10.63 0.43
CA LYS B 181 12.61 9.20 0.17
C LYS B 181 11.30 8.72 -0.46
N ALA B 182 10.17 9.29 -0.05
CA ALA B 182 8.90 8.96 -0.67
C ALA B 182 8.91 9.50 -2.12
N GLY B 183 9.46 10.70 -2.31
CA GLY B 183 9.58 11.23 -3.66
C GLY B 183 10.37 10.32 -4.61
N ILE B 184 11.43 9.69 -4.10
CA ILE B 184 12.20 8.71 -4.88
C ILE B 184 11.32 7.55 -5.35
N ILE B 185 10.44 7.08 -4.47
CA ILE B 185 9.49 6.02 -4.82
C ILE B 185 8.59 6.44 -5.98
N GLY B 186 7.99 7.62 -5.89
CA GLY B 186 7.16 8.13 -6.97
C GLY B 186 7.92 8.27 -8.31
N ALA B 187 9.12 8.82 -8.26
CA ALA B 187 9.96 8.98 -9.46
C ALA B 187 10.28 7.61 -10.08
N THR B 188 10.64 6.67 -9.22
CA THR B 188 10.94 5.30 -9.63
C THR B 188 9.78 4.62 -10.33
N LYS B 189 8.60 4.73 -9.74
CA LYS B 189 7.43 4.12 -10.35
C LYS B 189 7.08 4.74 -11.69
N ALA B 190 7.14 6.05 -11.78
CA ALA B 190 6.81 6.73 -13.03
C ALA B 190 7.82 6.33 -14.13
N LEU B 191 9.11 6.29 -13.81
CA LEU B 191 10.13 5.96 -14.80
C LEU B 191 10.02 4.50 -15.24
N ALA B 192 9.64 3.61 -14.30
CA ALA B 192 9.39 2.22 -14.63
C ALA B 192 8.41 2.09 -15.78
N ILE B 193 7.31 2.84 -15.70
CA ILE B 193 6.27 2.78 -16.73
C ILE B 193 6.84 3.24 -18.07
N GLU B 194 7.61 4.34 -18.05
CA GLU B 194 8.19 4.89 -19.30
C GLU B 194 9.16 3.91 -19.98
N LEU B 195 9.95 3.19 -19.20
CA LEU B 195 11.03 2.39 -19.75
C LEU B 195 10.72 0.91 -19.93
N ALA B 196 9.50 0.50 -19.56
CA ALA B 196 9.13 -0.91 -19.54
C ALA B 196 9.30 -1.57 -20.91
N LYS B 197 8.81 -0.92 -21.96
CA LYS B 197 8.91 -1.43 -23.32
C LYS B 197 10.35 -1.51 -23.81
N ARG B 198 11.27 -0.81 -23.15
CA ARG B 198 12.67 -0.82 -23.57
C ARG B 198 13.52 -1.82 -22.78
N LYS B 199 12.86 -2.69 -22.01
CA LYS B 199 13.51 -3.77 -21.26
C LYS B 199 14.49 -3.23 -20.22
N ILE B 200 14.19 -2.05 -19.69
CA ILE B 200 14.92 -1.50 -18.57
C ILE B 200 13.96 -1.55 -17.39
N THR B 201 14.34 -2.28 -16.34
CA THR B 201 13.52 -2.31 -15.14
C THR B 201 13.95 -1.17 -14.22
N VAL B 202 12.98 -0.67 -13.46
CA VAL B 202 13.20 0.42 -12.55
C VAL B 202 12.50 0.06 -11.25
N ASN B 203 13.29 -0.14 -10.19
CA ASN B 203 12.77 -0.55 -8.90
C ASN B 203 13.46 0.20 -7.79
N CYS B 204 12.83 0.16 -6.63
CA CYS B 204 13.30 0.85 -5.45
C CYS B 204 13.49 -0.15 -4.29
N ILE B 205 14.61 -0.04 -3.61
CA ILE B 205 14.83 -0.78 -2.37
C ILE B 205 14.61 0.18 -1.20
N ALA B 206 13.75 -0.20 -0.26
CA ALA B 206 13.48 0.55 0.95
C ALA B 206 14.00 -0.21 2.15
N PRO B 207 15.27 0.00 2.53
CA PRO B 207 15.73 -0.66 3.76
C PRO B 207 15.08 -0.08 5.03
N GLY B 208 15.00 -0.90 6.06
CA GLY B 208 14.67 -0.45 7.39
C GLY B 208 15.97 0.04 8.02
N LEU B 209 16.21 -0.31 9.26
CA LEU B 209 17.39 0.17 9.97
C LEU B 209 18.59 -0.73 9.63
N ILE B 210 19.61 -0.16 8.98
CA ILE B 210 20.79 -0.89 8.53
C ILE B 210 22.05 -0.35 9.25
N ASP B 211 22.90 -1.28 9.69
CA ASP B 211 24.06 -0.96 10.51
C ASP B 211 25.19 -0.34 9.66
N THR B 212 25.18 0.98 9.54
CA THR B 212 26.22 1.73 8.80
C THR B 212 26.61 2.99 9.57
N GLY B 213 27.54 3.78 9.02
CA GLY B 213 27.91 5.08 9.58
C GLY B 213 26.81 6.14 9.55
N MET B 214 25.77 5.95 8.76
CA MET B 214 24.66 6.92 8.73
C MET B 214 23.87 6.98 10.03
N ILE B 215 23.73 5.84 10.70
CA ILE B 215 22.90 5.69 11.90
C ILE B 215 23.72 5.94 13.18
N GLU B 216 23.35 6.99 13.92
CA GLU B 216 24.00 7.30 15.21
C GLU B 216 22.93 7.48 16.28
N MET B 217 22.70 6.45 17.08
CA MET B 217 21.64 6.46 18.10
C MET B 217 22.19 6.12 19.49
N GLU B 218 21.67 6.80 20.51
CA GLU B 218 21.87 6.41 21.90
C GLU B 218 21.21 5.05 22.16
N GLU B 219 21.58 4.41 23.26
CA GLU B 219 20.99 3.12 23.65
C GLU B 219 19.47 3.23 23.80
N SER B 220 19.02 4.33 24.40
CA SER B 220 17.59 4.58 24.59
C SER B 220 16.85 4.61 23.24
N ALA B 221 17.37 5.38 22.29
CA ALA B 221 16.78 5.49 20.95
C ALA B 221 16.82 4.18 20.18
N LEU B 222 17.92 3.44 20.31
CA LEU B 222 18.04 2.14 19.67
C LEU B 222 16.98 1.15 20.14
N LYS B 223 16.73 1.12 21.45
CA LYS B 223 15.69 0.28 22.02
C LYS B 223 14.31 0.62 21.46
N GLU B 224 13.97 1.91 21.40
CA GLU B 224 12.70 2.34 20.80
C GLU B 224 12.58 1.85 19.34
N ALA B 225 13.67 1.97 18.59
CA ALA B 225 13.69 1.50 17.20
C ALA B 225 13.50 -0.02 17.11
N MET B 226 14.26 -0.77 17.91
CA MET B 226 14.15 -2.23 17.95
C MET B 226 12.77 -2.75 18.29
N SER B 227 12.03 -2.04 19.11
CA SER B 227 10.71 -2.49 19.54
C SER B 227 9.74 -2.53 18.37
N MET B 228 10.02 -1.77 17.32
CA MET B 228 9.20 -1.77 16.10
C MET B 228 9.68 -2.78 15.05
N ILE B 229 10.76 -3.49 15.34
CA ILE B 229 11.33 -4.45 14.40
C ILE B 229 11.11 -5.86 14.93
N PRO B 230 10.18 -6.62 14.35
CA PRO B 230 9.92 -7.99 14.82
C PRO B 230 11.18 -8.85 14.92
N MET B 231 12.11 -8.71 13.99
CA MET B 231 13.36 -9.47 14.06
C MET B 231 14.33 -9.02 15.15
N LYS B 232 14.06 -7.88 15.79
CA LYS B 232 14.90 -7.39 16.89
C LYS B 232 16.37 -7.29 16.54
N ARG B 233 16.69 -6.86 15.32
CA ARG B 233 18.06 -6.57 14.95
C ARG B 233 18.06 -5.62 13.76
N MET B 234 19.19 -4.95 13.59
CA MET B 234 19.45 -4.14 12.41
C MET B 234 19.76 -5.06 11.24
N GLY B 235 19.52 -4.57 10.04
CA GLY B 235 20.01 -5.26 8.85
C GLY B 235 21.49 -4.96 8.64
N GLN B 236 22.15 -5.78 7.84
CA GLN B 236 23.53 -5.52 7.44
C GLN B 236 23.55 -5.02 5.99
N ALA B 237 24.53 -4.19 5.68
CA ALA B 237 24.70 -3.66 4.33
C ALA B 237 24.70 -4.78 3.27
N GLU B 238 25.34 -5.89 3.59
CA GLU B 238 25.42 -7.07 2.68
C GLU B 238 24.04 -7.64 2.34
N GLU B 239 23.10 -7.56 3.28
CA GLU B 239 21.75 -8.03 3.05
C GLU B 239 21.05 -7.12 2.02
N VAL B 240 21.23 -5.82 2.16
CA VAL B 240 20.70 -4.90 1.16
C VAL B 240 21.34 -5.19 -0.21
N ALA B 241 22.63 -5.48 -0.21
CA ALA B 241 23.33 -5.82 -1.44
C ALA B 241 22.81 -7.09 -2.11
N GLY B 242 22.36 -8.06 -1.31
CA GLY B 242 21.78 -9.28 -1.86
C GLY B 242 20.50 -9.02 -2.63
N LEU B 243 19.71 -8.06 -2.15
CA LEU B 243 18.47 -7.72 -2.85
C LEU B 243 18.80 -6.96 -4.14
N ALA B 244 19.78 -6.08 -4.10
CA ALA B 244 20.23 -5.36 -5.31
C ALA B 244 20.74 -6.35 -6.36
N SER B 245 21.43 -7.38 -5.89
CA SER B 245 21.96 -8.44 -6.76
C SER B 245 20.83 -9.20 -7.47
N TYR B 246 19.78 -9.55 -6.74
CA TYR B 246 18.61 -10.16 -7.35
C TYR B 246 17.99 -9.23 -8.42
N LEU B 247 17.71 -7.98 -8.06
CA LEU B 247 17.10 -7.05 -9.02
C LEU B 247 17.97 -6.82 -10.26
N MET B 248 19.27 -6.81 -10.08
CA MET B 248 20.22 -6.64 -11.20
C MET B 248 20.29 -7.85 -12.13
N SER B 249 19.90 -9.03 -11.63
CA SER B 249 20.09 -10.27 -12.40
C SER B 249 19.13 -10.36 -13.58
N ASP B 250 19.52 -11.17 -14.57
CA ASP B 250 18.73 -11.35 -15.79
C ASP B 250 17.35 -11.94 -15.50
N ILE B 251 17.27 -12.82 -14.50
CA ILE B 251 16.01 -13.49 -14.19
C ILE B 251 14.95 -12.56 -13.58
N ALA B 252 15.35 -11.35 -13.19
CA ALA B 252 14.46 -10.36 -12.58
C ALA B 252 13.90 -9.36 -13.59
N GLY B 253 13.90 -9.73 -14.87
CA GLY B 253 13.47 -8.82 -15.93
C GLY B 253 12.00 -8.46 -15.95
N TYR B 254 11.16 -9.20 -15.23
CA TYR B 254 9.72 -8.92 -15.18
C TYR B 254 9.32 -8.17 -13.92
N VAL B 255 10.30 -7.88 -13.05
CA VAL B 255 10.06 -7.11 -11.84
C VAL B 255 10.38 -5.66 -12.16
N THR B 256 9.35 -4.83 -12.18
CA THR B 256 9.56 -3.40 -12.38
C THR B 256 8.44 -2.62 -11.69
N ARG B 257 8.71 -1.35 -11.40
CA ARG B 257 7.78 -0.46 -10.72
C ARG B 257 7.55 -0.83 -9.24
N GLN B 258 8.44 -1.63 -8.65
CA GLN B 258 8.28 -2.09 -7.28
C GLN B 258 9.13 -1.32 -6.26
N VAL B 259 8.57 -1.19 -5.06
CA VAL B 259 9.32 -0.84 -3.87
C VAL B 259 9.42 -2.09 -3.02
N ILE B 260 10.63 -2.60 -2.84
CA ILE B 260 10.83 -3.82 -2.06
C ILE B 260 11.50 -3.42 -0.76
N SER B 261 10.85 -3.74 0.34
CA SER B 261 11.32 -3.38 1.67
C SER B 261 12.07 -4.51 2.33
N ILE B 262 13.25 -4.18 2.87
CA ILE B 262 14.12 -5.16 3.55
C ILE B 262 14.36 -4.58 4.94
N ASN B 263 13.55 -5.03 5.89
CA ASN B 263 13.38 -4.28 7.13
C ASN B 263 13.05 -5.09 8.36
N GLY B 264 13.30 -6.39 8.31
CA GLY B 264 13.09 -7.26 9.47
C GLY B 264 11.63 -7.35 9.92
N GLY B 265 10.71 -7.02 9.01
CA GLY B 265 9.28 -7.10 9.30
C GLY B 265 8.64 -5.86 9.90
N MET B 266 9.35 -4.72 9.87
CA MET B 266 8.81 -3.46 10.40
C MET B 266 7.44 -3.14 9.82
N LEU B 267 7.27 -3.38 8.52
CA LEU B 267 6.00 -3.21 7.81
C LEU B 267 6.06 -3.97 6.48
N SER C 26 21.73 -30.76 4.63
CA SER C 26 20.68 -30.88 3.56
C SER C 26 19.35 -30.34 4.04
N ARG C 27 18.90 -29.27 3.41
CA ARG C 27 17.66 -28.63 3.81
C ARG C 27 16.59 -28.98 2.80
N SER C 28 15.45 -29.42 3.30
CA SER C 28 14.36 -29.82 2.44
C SER C 28 13.29 -28.71 2.33
N VAL C 29 12.68 -28.63 1.15
CA VAL C 29 11.65 -27.64 0.85
C VAL C 29 10.47 -28.35 0.22
N LEU C 30 9.30 -28.18 0.82
CA LEU C 30 8.04 -28.65 0.27
C LEU C 30 7.53 -27.62 -0.73
N VAL C 31 7.24 -28.07 -1.95
CA VAL C 31 6.63 -27.21 -2.96
C VAL C 31 5.31 -27.82 -3.36
N THR C 32 4.20 -27.21 -2.93
CA THR C 32 2.89 -27.69 -3.36
C THR C 32 2.63 -27.30 -4.80
N GLY C 33 1.87 -28.15 -5.50
CA GLY C 33 1.57 -27.93 -6.91
C GLY C 33 2.80 -27.93 -7.80
N ALA C 34 3.70 -28.88 -7.56
CA ALA C 34 4.98 -28.96 -8.29
C ALA C 34 4.92 -29.83 -9.56
N SER C 35 3.72 -30.31 -9.89
CA SER C 35 3.50 -31.12 -11.08
C SER C 35 3.43 -30.32 -12.38
N LYS C 36 3.28 -29.01 -12.28
CA LYS C 36 3.19 -28.13 -13.46
C LYS C 36 3.42 -26.65 -13.12
N GLY C 37 3.51 -25.82 -14.15
CA GLY C 37 3.44 -24.37 -14.02
C GLY C 37 4.48 -23.79 -13.08
N ILE C 38 4.02 -22.85 -12.24
CA ILE C 38 4.92 -22.13 -11.33
C ILE C 38 5.55 -23.09 -10.31
N GLY C 39 4.76 -24.01 -9.77
CA GLY C 39 5.29 -24.95 -8.78
C GLY C 39 6.44 -25.81 -9.33
N ARG C 40 6.27 -26.32 -10.54
CA ARG C 40 7.34 -27.07 -11.21
C ARG C 40 8.60 -26.22 -11.33
N ALA C 41 8.43 -24.98 -11.80
CA ALA C 41 9.58 -24.10 -12.03
C ALA C 41 10.28 -23.80 -10.72
N ILE C 42 9.50 -23.57 -9.67
CA ILE C 42 10.07 -23.33 -8.34
C ILE C 42 10.83 -24.57 -7.85
N ALA C 43 10.21 -25.73 -7.98
CA ALA C 43 10.85 -27.00 -7.63
C ALA C 43 12.21 -27.17 -8.32
N ARG C 44 12.24 -26.93 -9.63
CA ARG C 44 13.49 -27.10 -10.40
C ARG C 44 14.57 -26.12 -9.92
N GLN C 45 14.18 -24.85 -9.74
CA GLN C 45 15.14 -23.84 -9.35
C GLN C 45 15.71 -24.11 -7.96
N LEU C 46 14.85 -24.41 -7.01
CA LEU C 46 15.31 -24.64 -5.64
C LEU C 46 16.16 -25.90 -5.54
N ALA C 47 15.84 -26.91 -6.36
CA ALA C 47 16.69 -28.11 -6.45
C ALA C 47 18.08 -27.75 -6.96
N ALA C 48 18.14 -26.96 -8.03
CA ALA C 48 19.41 -26.46 -8.56
C ALA C 48 20.18 -25.66 -7.50
N ASP C 49 19.46 -24.90 -6.67
CA ASP C 49 20.07 -24.18 -5.55
C ASP C 49 20.62 -25.14 -4.47
N GLY C 50 20.22 -26.40 -4.51
CA GLY C 50 20.76 -27.41 -3.60
C GLY C 50 19.79 -27.92 -2.56
N PHE C 51 18.56 -27.42 -2.55
CA PHE C 51 17.55 -27.89 -1.62
C PHE C 51 17.01 -29.24 -2.07
N ASN C 52 16.72 -30.10 -1.11
CA ASN C 52 16.04 -31.35 -1.35
C ASN C 52 14.52 -31.06 -1.44
N ILE C 53 13.90 -31.40 -2.57
CA ILE C 53 12.53 -30.98 -2.83
C ILE C 53 11.45 -32.04 -2.58
N GLY C 54 10.45 -31.67 -1.79
CA GLY C 54 9.19 -32.41 -1.70
C GLY C 54 8.34 -31.98 -2.89
N VAL C 55 8.32 -32.81 -3.92
CA VAL C 55 7.59 -32.53 -5.14
C VAL C 55 6.15 -32.98 -4.96
N HIS C 56 5.30 -32.04 -4.56
CA HIS C 56 3.91 -32.35 -4.25
C HIS C 56 3.02 -32.27 -5.49
N TYR C 57 2.03 -33.16 -5.54
CA TYR C 57 0.98 -33.07 -6.54
C TYR C 57 -0.36 -33.43 -5.93
N HIS C 58 -1.44 -33.07 -6.61
CA HIS C 58 -2.77 -33.45 -6.15
C HIS C 58 -3.18 -34.72 -6.87
N ARG C 59 -3.40 -34.62 -8.18
CA ARG C 59 -3.80 -35.76 -9.01
C ARG C 59 -2.83 -36.08 -10.14
N ASP C 60 -1.99 -35.13 -10.53
CA ASP C 60 -1.12 -35.30 -11.70
C ASP C 60 0.23 -35.93 -11.31
N ALA C 61 0.18 -37.23 -11.03
CA ALA C 61 1.36 -38.00 -10.62
C ALA C 61 2.43 -37.99 -11.72
N ALA C 62 2.00 -38.16 -12.96
CA ALA C 62 2.93 -38.20 -14.10
C ALA C 62 3.68 -36.87 -14.22
N GLY C 63 2.97 -35.77 -14.07
CA GLY C 63 3.60 -34.45 -14.09
C GLY C 63 4.62 -34.27 -12.98
N ALA C 64 4.29 -34.74 -11.79
CA ALA C 64 5.20 -34.63 -10.65
C ALA C 64 6.46 -35.46 -10.88
N GLN C 65 6.28 -36.67 -11.42
CA GLN C 65 7.42 -37.53 -11.73
C GLN C 65 8.32 -36.87 -12.80
N GLU C 66 7.73 -36.20 -13.77
CA GLU C 66 8.49 -35.47 -14.78
C GLU C 66 9.31 -34.37 -14.14
N THR C 67 8.70 -33.64 -13.20
CA THR C 67 9.42 -32.62 -12.44
C THR C 67 10.62 -33.24 -11.71
N LEU C 68 10.35 -34.33 -11.00
CA LEU C 68 11.40 -35.02 -10.25
C LEU C 68 12.49 -35.57 -11.16
N ASN C 69 12.12 -36.18 -12.29
CA ASN C 69 13.12 -36.69 -13.22
C ASN C 69 14.07 -35.61 -13.66
N ALA C 70 13.54 -34.42 -13.95
CA ALA C 70 14.37 -33.32 -14.39
C ALA C 70 15.28 -32.84 -13.25
N ILE C 71 14.75 -32.80 -12.03
CA ILE C 71 15.56 -32.48 -10.85
C ILE C 71 16.76 -33.45 -10.73
N VAL C 72 16.46 -34.74 -10.79
CA VAL C 72 17.48 -35.78 -10.62
C VAL C 72 18.51 -35.73 -11.76
N ALA C 73 18.02 -35.62 -13.00
CA ALA C 73 18.89 -35.56 -14.17
C ALA C 73 19.86 -34.37 -14.10
N ASN C 74 19.49 -33.30 -13.40
CA ASN C 74 20.36 -32.15 -13.21
C ASN C 74 21.22 -32.21 -11.94
N GLY C 75 21.27 -33.38 -11.30
CA GLY C 75 22.13 -33.57 -10.13
C GLY C 75 21.53 -33.15 -8.80
N GLY C 76 20.21 -32.94 -8.77
CA GLY C 76 19.51 -32.60 -7.54
C GLY C 76 18.82 -33.79 -6.89
N ASN C 77 18.12 -33.53 -5.79
CA ASN C 77 17.39 -34.58 -5.04
C ASN C 77 15.98 -34.12 -4.65
N GLY C 78 15.10 -35.10 -4.53
CA GLY C 78 13.73 -34.84 -4.15
C GLY C 78 12.92 -36.11 -4.08
N ARG C 79 11.65 -35.97 -3.73
CA ARG C 79 10.75 -37.10 -3.65
C ARG C 79 9.32 -36.65 -3.88
N LEU C 80 8.49 -37.57 -4.35
CA LEU C 80 7.09 -37.29 -4.59
C LEU C 80 6.27 -37.43 -3.31
N LEU C 81 5.26 -36.59 -3.18
CA LEU C 81 4.22 -36.78 -2.17
C LEU C 81 2.94 -36.14 -2.68
N SER C 82 1.82 -36.50 -2.06
CA SER C 82 0.52 -36.12 -2.57
C SER C 82 -0.47 -35.82 -1.46
N PHE C 83 -1.27 -34.78 -1.67
CA PHE C 83 -2.45 -34.52 -0.85
C PHE C 83 -3.30 -33.42 -1.48
N ASP C 84 -4.58 -33.41 -1.08
CA ASP C 84 -5.52 -32.36 -1.44
C ASP C 84 -5.41 -31.25 -0.40
N VAL C 85 -4.99 -30.05 -0.80
CA VAL C 85 -4.75 -28.97 0.18
C VAL C 85 -6.05 -28.46 0.82
N ALA C 86 -7.20 -28.82 0.25
CA ALA C 86 -8.49 -28.55 0.86
C ALA C 86 -8.88 -29.60 1.91
N ASN C 87 -8.13 -30.70 1.98
CA ASN C 87 -8.45 -31.78 2.89
C ASN C 87 -7.51 -31.68 4.07
N ARG C 88 -8.01 -31.08 5.14
CA ARG C 88 -7.20 -30.80 6.32
C ARG C 88 -6.59 -32.06 6.93
N GLU C 89 -7.40 -33.09 7.11
CA GLU C 89 -6.97 -34.31 7.77
C GLU C 89 -5.90 -35.00 6.94
N GLN C 90 -6.09 -35.07 5.63
CA GLN C 90 -5.12 -35.71 4.77
C GLN C 90 -3.78 -34.95 4.79
N CYS C 91 -3.84 -33.62 4.75
CA CYS C 91 -2.64 -32.80 4.86
C CYS C 91 -1.86 -33.10 6.14
N ARG C 92 -2.54 -33.09 7.27
CA ARG C 92 -1.91 -33.35 8.55
C ARG C 92 -1.29 -34.75 8.57
N GLU C 93 -2.05 -35.75 8.12
CA GLU C 93 -1.56 -37.13 8.11
C GLU C 93 -0.33 -37.30 7.25
N VAL C 94 -0.38 -36.85 6.01
CA VAL C 94 0.76 -37.02 5.10
C VAL C 94 1.96 -36.24 5.63
N LEU C 95 1.75 -35.01 6.08
CA LEU C 95 2.86 -34.18 6.48
C LEU C 95 3.51 -34.67 7.77
N GLU C 96 2.71 -35.12 8.73
CA GLU C 96 3.26 -35.70 9.97
C GLU C 96 4.09 -36.95 9.65
N HIS C 97 3.61 -37.77 8.73
CA HIS C 97 4.34 -38.96 8.30
C HIS C 97 5.67 -38.60 7.62
N GLU C 98 5.62 -37.62 6.72
CA GLU C 98 6.81 -37.16 6.02
C GLU C 98 7.84 -36.60 6.98
N ILE C 99 7.38 -35.83 7.95
CA ILE C 99 8.26 -35.22 8.94
C ILE C 99 8.86 -36.27 9.89
N ALA C 100 8.05 -37.26 10.28
CA ALA C 100 8.53 -38.36 11.13
C ALA C 100 9.60 -39.18 10.41
N GLN C 101 9.39 -39.42 9.13
CA GLN C 101 10.29 -40.23 8.34
C GLN C 101 11.57 -39.48 7.90
N HIS C 102 11.45 -38.21 7.52
CA HIS C 102 12.56 -37.47 6.90
C HIS C 102 13.03 -36.22 7.66
N GLY C 103 12.39 -35.90 8.77
CA GLY C 103 12.71 -34.68 9.50
C GLY C 103 11.92 -33.46 9.01
N ALA C 104 12.02 -32.37 9.76
CA ALA C 104 11.27 -31.15 9.49
C ALA C 104 11.67 -30.55 8.15
N TRP C 105 10.71 -29.92 7.48
CA TRP C 105 11.03 -29.10 6.32
C TRP C 105 11.76 -27.86 6.79
N TYR C 106 12.74 -27.43 6.00
CA TYR C 106 13.34 -26.12 6.19
C TYR C 106 12.47 -25.05 5.53
N GLY C 107 11.92 -25.37 4.36
CA GLY C 107 11.12 -24.42 3.64
C GLY C 107 9.80 -24.99 3.21
N VAL C 108 8.80 -24.12 3.11
CA VAL C 108 7.50 -24.49 2.61
C VAL C 108 7.07 -23.45 1.61
N VAL C 109 6.83 -23.90 0.38
CA VAL C 109 6.30 -23.03 -0.66
C VAL C 109 4.86 -23.47 -0.93
N SER C 110 3.92 -22.65 -0.47
CA SER C 110 2.49 -22.93 -0.58
C SER C 110 1.98 -22.31 -1.87
N ASN C 111 2.11 -23.09 -2.94
CA ASN C 111 1.90 -22.64 -4.30
C ASN C 111 0.55 -23.10 -4.90
N ALA C 112 0.09 -24.28 -4.53
CA ALA C 112 -1.11 -24.83 -5.15
C ALA C 112 -2.28 -23.82 -5.09
N GLY C 113 -3.00 -23.66 -6.20
CA GLY C 113 -4.20 -22.81 -6.22
C GLY C 113 -5.10 -23.08 -7.41
N ILE C 114 -6.35 -22.64 -7.31
CA ILE C 114 -7.32 -22.72 -8.39
C ILE C 114 -8.13 -21.41 -8.52
N ALA C 115 -8.77 -21.27 -9.67
CA ALA C 115 -9.71 -20.18 -9.94
C ALA C 115 -11.05 -20.76 -10.43
N ARG C 116 -12.15 -20.12 -10.01
CA ARG C 116 -13.50 -20.47 -10.49
C ARG C 116 -14.25 -19.16 -10.75
N ASP C 117 -14.00 -18.59 -11.92
CA ASP C 117 -14.42 -17.23 -12.23
C ASP C 117 -15.89 -17.16 -12.64
N ALA C 118 -16.54 -16.06 -12.23
CA ALA C 118 -17.88 -15.67 -12.68
C ALA C 118 -18.17 -14.31 -12.09
N ALA C 119 -19.08 -13.56 -12.72
CA ALA C 119 -19.57 -12.31 -12.15
C ALA C 119 -20.13 -12.59 -10.75
N PHE C 120 -19.95 -11.63 -9.85
CA PHE C 120 -20.28 -11.85 -8.44
C PHE C 120 -21.69 -12.39 -8.23
N PRO C 121 -22.71 -11.78 -8.85
CA PRO C 121 -24.09 -12.27 -8.65
C PRO C 121 -24.38 -13.65 -9.24
N ALA C 122 -23.49 -14.14 -10.12
CA ALA C 122 -23.64 -15.44 -10.77
C ALA C 122 -22.74 -16.51 -10.13
N LEU C 123 -21.94 -16.12 -9.14
CA LEU C 123 -20.98 -17.04 -8.52
C LEU C 123 -21.76 -18.10 -7.74
N SER C 124 -21.55 -19.38 -8.06
CA SER C 124 -22.24 -20.48 -7.35
C SER C 124 -21.62 -20.70 -5.97
N ASN C 125 -22.35 -21.44 -5.14
CA ASN C 125 -21.85 -21.88 -3.84
C ASN C 125 -20.50 -22.58 -3.97
N ASP C 126 -20.41 -23.47 -4.96
CA ASP C 126 -19.18 -24.22 -5.19
C ASP C 126 -18.06 -23.34 -5.69
N ASP C 127 -18.37 -22.39 -6.56
CA ASP C 127 -17.35 -21.42 -7.05
C ASP C 127 -16.70 -20.68 -5.86
N TRP C 128 -17.52 -20.20 -4.95
CA TRP C 128 -17.01 -19.47 -3.80
C TRP C 128 -16.24 -20.42 -2.86
N ASP C 129 -16.89 -21.49 -2.43
CA ASP C 129 -16.30 -22.41 -1.44
C ASP C 129 -15.04 -23.11 -1.94
N ALA C 130 -15.05 -23.60 -3.18
CA ALA C 130 -13.87 -24.29 -3.69
C ALA C 130 -12.63 -23.37 -3.71
N VAL C 131 -12.83 -22.10 -4.08
CA VAL C 131 -11.71 -21.16 -4.13
C VAL C 131 -11.25 -20.77 -2.72
N ILE C 132 -12.16 -20.44 -1.82
CA ILE C 132 -11.77 -20.11 -0.45
C ILE C 132 -11.14 -21.33 0.25
N HIS C 133 -11.77 -22.50 0.16
CA HIS C 133 -11.26 -23.74 0.80
C HIS C 133 -9.92 -24.19 0.29
N THR C 134 -9.71 -24.08 -1.01
CA THR C 134 -8.48 -24.53 -1.60
C THR C 134 -7.37 -23.51 -1.45
N ASN C 135 -7.64 -22.26 -1.81
CA ASN C 135 -6.62 -21.27 -1.82
C ASN C 135 -6.31 -20.72 -0.44
N LEU C 136 -7.31 -20.48 0.40
CA LEU C 136 -7.06 -19.83 1.68
C LEU C 136 -6.90 -20.82 2.83
N ASP C 137 -7.79 -21.80 2.93
CA ASP C 137 -7.71 -22.77 4.02
C ASP C 137 -6.42 -23.57 3.90
N SER C 138 -5.87 -23.70 2.69
CA SER C 138 -4.59 -24.41 2.50
C SER C 138 -3.45 -23.81 3.31
N PHE C 139 -3.52 -22.50 3.60
CA PHE C 139 -2.53 -21.86 4.46
C PHE C 139 -2.47 -22.59 5.79
N TYR C 140 -3.61 -22.74 6.42
CA TYR C 140 -3.71 -23.45 7.68
C TYR C 140 -3.40 -24.94 7.50
N ASN C 141 -4.02 -25.58 6.52
CA ASN C 141 -3.91 -27.04 6.34
C ASN C 141 -2.49 -27.49 6.02
N VAL C 142 -1.79 -26.72 5.19
CA VAL C 142 -0.46 -27.14 4.77
C VAL C 142 0.59 -26.63 5.72
N ILE C 143 0.48 -25.38 6.13
CA ILE C 143 1.58 -24.75 6.88
C ILE C 143 1.55 -25.12 8.36
N GLN C 144 0.38 -25.22 8.98
CA GLN C 144 0.35 -25.45 10.42
C GLN C 144 1.11 -26.71 10.88
N PRO C 145 0.94 -27.85 10.18
CA PRO C 145 1.71 -29.03 10.60
C PRO C 145 3.23 -28.89 10.47
N CYS C 146 3.70 -27.95 9.65
CA CYS C 146 5.13 -27.77 9.41
C CYS C 146 5.82 -26.86 10.43
N ILE C 147 5.05 -26.10 11.20
CA ILE C 147 5.66 -25.01 11.99
C ILE C 147 6.40 -25.49 13.23
N MET C 148 5.76 -26.25 14.11
CA MET C 148 6.46 -26.68 15.31
C MET C 148 7.73 -27.50 14.97
N PRO C 149 7.65 -28.41 13.98
CA PRO C 149 8.88 -29.12 13.62
C PRO C 149 9.96 -28.20 13.07
N MET C 150 9.58 -27.22 12.26
CA MET C 150 10.55 -26.24 11.74
C MET C 150 11.23 -25.51 12.90
N ILE C 151 10.43 -25.08 13.88
CA ILE C 151 10.97 -24.44 15.09
C ILE C 151 11.85 -25.42 15.86
N GLY C 152 11.36 -26.65 16.05
CA GLY C 152 12.09 -27.67 16.79
C GLY C 152 13.46 -27.98 16.21
N ALA C 153 13.60 -27.92 14.89
CA ALA C 153 14.87 -28.22 14.23
C ALA C 153 15.95 -27.14 14.45
N ARG C 154 15.53 -25.93 14.82
CA ARG C 154 16.44 -24.82 15.12
C ARG C 154 17.38 -24.42 13.97
N GLN C 155 16.97 -24.61 12.73
CA GLN C 155 17.77 -24.17 11.58
C GLN C 155 17.22 -22.88 10.99
N GLY C 156 16.22 -22.29 11.63
CA GLY C 156 15.46 -21.23 11.02
C GLY C 156 14.61 -21.82 9.91
N GLY C 157 14.19 -20.98 8.98
CA GLY C 157 13.33 -21.48 7.90
C GLY C 157 12.79 -20.44 6.96
N ARG C 158 11.99 -20.92 6.01
CA ARG C 158 11.42 -20.08 4.98
C ARG C 158 10.01 -20.54 4.67
N ILE C 159 9.07 -19.59 4.72
CA ILE C 159 7.72 -19.82 4.25
C ILE C 159 7.42 -18.80 3.16
N ILE C 160 7.00 -19.32 2.00
CA ILE C 160 6.67 -18.51 0.86
C ILE C 160 5.28 -18.91 0.39
N THR C 161 4.38 -17.93 0.34
CA THR C 161 3.04 -18.16 -0.19
C THR C 161 2.87 -17.54 -1.56
N LEU C 162 1.93 -18.08 -2.33
CA LEU C 162 1.62 -17.55 -3.63
C LEU C 162 0.25 -16.87 -3.58
N SER C 163 0.27 -15.56 -3.75
CA SER C 163 -0.95 -14.78 -3.89
C SER C 163 -1.06 -14.39 -5.36
N SER C 164 -1.48 -13.18 -5.65
CA SER C 164 -1.74 -12.76 -7.01
C SER C 164 -1.99 -11.27 -7.00
N VAL C 165 -1.70 -10.64 -8.12
CA VAL C 165 -2.07 -9.25 -8.32
C VAL C 165 -3.58 -9.04 -8.05
N SER C 166 -4.42 -10.02 -8.36
CA SER C 166 -5.86 -9.91 -8.04
C SER C 166 -6.12 -9.80 -6.55
N GLY C 167 -5.28 -10.42 -5.74
CA GLY C 167 -5.36 -10.30 -4.29
C GLY C 167 -4.95 -8.91 -3.80
N VAL C 168 -4.09 -8.22 -4.55
CA VAL C 168 -3.59 -6.89 -4.15
C VAL C 168 -4.57 -5.81 -4.57
N MET C 169 -5.07 -5.89 -5.80
CA MET C 169 -5.88 -4.80 -6.35
C MET C 169 -7.35 -5.18 -6.61
N GLY C 170 -7.68 -6.48 -6.52
CA GLY C 170 -9.00 -6.94 -6.94
C GLY C 170 -9.04 -7.11 -8.46
N ASN C 171 -9.89 -8.01 -8.93
CA ASN C 171 -10.09 -8.24 -10.35
C ASN C 171 -11.55 -8.57 -10.63
N ARG C 172 -12.14 -7.93 -11.65
CA ARG C 172 -13.53 -8.20 -12.02
C ARG C 172 -13.69 -9.65 -12.45
N GLY C 173 -14.86 -10.22 -12.12
CA GLY C 173 -15.16 -11.62 -12.44
C GLY C 173 -14.46 -12.60 -11.51
N GLN C 174 -13.78 -12.11 -10.49
CA GLN C 174 -13.00 -12.97 -9.59
C GLN C 174 -13.11 -12.53 -8.14
N VAL C 175 -14.30 -12.14 -7.69
CA VAL C 175 -14.41 -11.72 -6.30
C VAL C 175 -13.92 -12.84 -5.34
N ASN C 176 -14.22 -14.07 -5.65
CA ASN C 176 -13.78 -15.21 -4.83
C ASN C 176 -12.24 -15.38 -4.79
N TYR C 177 -11.60 -15.29 -5.95
CA TYR C 177 -10.16 -15.48 -6.07
C TYR C 177 -9.45 -14.31 -5.42
N SER C 178 -9.92 -13.08 -5.67
CA SER C 178 -9.33 -11.89 -5.07
C SER C 178 -9.43 -11.99 -3.55
N ALA C 179 -10.56 -12.42 -3.04
CA ALA C 179 -10.74 -12.60 -1.62
C ALA C 179 -9.75 -13.63 -1.05
N ALA C 180 -9.67 -14.81 -1.67
CA ALA C 180 -8.77 -15.85 -1.17
C ALA C 180 -7.31 -15.37 -1.21
N LYS C 181 -6.93 -14.79 -2.32
CA LYS C 181 -5.55 -14.40 -2.52
C LYS C 181 -5.15 -13.22 -1.62
N ALA C 182 -6.09 -12.30 -1.38
CA ALA C 182 -5.84 -11.24 -0.41
C ALA C 182 -5.76 -11.81 1.01
N GLY C 183 -6.61 -12.80 1.31
CA GLY C 183 -6.53 -13.47 2.59
C GLY C 183 -5.17 -14.11 2.84
N ILE C 184 -4.57 -14.70 1.81
CA ILE C 184 -3.21 -15.27 1.91
C ILE C 184 -2.19 -14.22 2.34
N ILE C 185 -2.31 -13.02 1.79
CA ILE C 185 -1.45 -11.93 2.15
C ILE C 185 -1.58 -11.59 3.64
N GLY C 186 -2.80 -11.44 4.12
CA GLY C 186 -3.03 -11.17 5.54
C GLY C 186 -2.48 -12.26 6.46
N ALA C 187 -2.74 -13.52 6.12
CA ALA C 187 -2.21 -14.65 6.88
C ALA C 187 -0.68 -14.61 6.90
N THR C 188 -0.08 -14.37 5.74
CA THR C 188 1.38 -14.32 5.59
C THR C 188 2.01 -13.25 6.46
N LYS C 189 1.42 -12.06 6.45
CA LYS C 189 1.92 -10.97 7.28
C LYS C 189 1.82 -11.27 8.75
N ALA C 190 0.70 -11.83 9.18
CA ALA C 190 0.52 -12.10 10.58
C ALA C 190 1.52 -13.17 11.04
N LEU C 191 1.70 -14.21 10.24
CA LEU C 191 2.62 -15.30 10.62
C LEU C 191 4.06 -14.81 10.63
N ALA C 192 4.42 -13.93 9.70
CA ALA C 192 5.75 -13.30 9.69
C ALA C 192 6.10 -12.68 11.04
N ILE C 193 5.16 -11.94 11.63
CA ILE C 193 5.38 -11.29 12.93
C ILE C 193 5.60 -12.34 14.02
N GLU C 194 4.78 -13.40 14.02
CA GLU C 194 4.90 -14.45 15.03
C GLU C 194 6.25 -15.17 14.98
N LEU C 195 6.76 -15.42 13.77
CA LEU C 195 7.93 -16.28 13.60
C LEU C 195 9.26 -15.53 13.47
N ALA C 196 9.21 -14.20 13.52
CA ALA C 196 10.39 -13.37 13.23
C ALA C 196 11.55 -13.68 14.18
N LYS C 197 11.26 -13.75 15.46
CA LYS C 197 12.26 -14.07 16.48
C LYS C 197 12.83 -15.50 16.34
N ARG C 198 12.15 -16.37 15.59
CA ARG C 198 12.61 -17.74 15.41
C ARG C 198 13.37 -17.93 14.09
N LYS C 199 13.72 -16.82 13.44
CA LYS C 199 14.57 -16.83 12.24
C LYS C 199 13.90 -17.58 11.09
N ILE C 200 12.58 -17.57 11.08
CA ILE C 200 11.82 -18.07 9.96
C ILE C 200 11.19 -16.86 9.28
N THR C 201 11.51 -16.64 8.01
CA THR C 201 10.88 -15.56 7.28
C THR C 201 9.61 -16.07 6.63
N VAL C 202 8.66 -15.16 6.49
CA VAL C 202 7.37 -15.48 5.89
C VAL C 202 7.05 -14.35 4.91
N ASN C 203 6.98 -14.69 3.63
CA ASN C 203 6.73 -13.72 2.58
C ASN C 203 5.79 -14.30 1.56
N CYS C 204 5.24 -13.40 0.75
CA CYS C 204 4.28 -13.73 -0.27
C CYS C 204 4.78 -13.24 -1.63
N ILE C 205 4.68 -14.08 -2.64
CA ILE C 205 4.89 -13.67 -4.02
C ILE C 205 3.55 -13.47 -4.68
N ALA C 206 3.33 -12.31 -5.28
CA ALA C 206 2.10 -12.00 -6.01
C ALA C 206 2.44 -11.85 -7.50
N PRO C 207 2.34 -12.93 -8.28
CA PRO C 207 2.58 -12.78 -9.69
C PRO C 207 1.45 -12.06 -10.39
N GLY C 208 1.77 -11.40 -11.49
CA GLY C 208 0.78 -10.86 -12.38
C GLY C 208 0.39 -12.00 -13.29
N LEU C 209 0.30 -11.74 -14.57
CA LEU C 209 -0.15 -12.74 -15.50
C LEU C 209 1.05 -13.60 -15.95
N ILE C 210 1.00 -14.89 -15.63
CA ILE C 210 2.10 -15.82 -15.92
C ILE C 210 1.62 -16.89 -16.89
N ASP C 211 2.44 -17.18 -17.89
CA ASP C 211 2.11 -18.10 -18.96
C ASP C 211 2.15 -19.59 -18.48
N THR C 212 1.02 -20.08 -17.98
CA THR C 212 0.87 -21.48 -17.53
C THR C 212 -0.48 -22.04 -18.00
N GLY C 213 -0.74 -23.30 -17.66
CA GLY C 213 -2.03 -23.93 -17.92
C GLY C 213 -3.23 -23.34 -17.18
N MET C 214 -2.99 -22.55 -16.12
CA MET C 214 -4.09 -21.91 -15.41
C MET C 214 -4.79 -20.88 -16.29
N MET C 217 -8.67 -18.43 -20.17
CA MET C 217 -9.20 -17.08 -20.30
C MET C 217 -9.32 -16.65 -21.76
N GLU C 218 -10.38 -15.87 -22.05
CA GLU C 218 -10.70 -15.47 -23.42
C GLU C 218 -9.69 -14.48 -24.01
N GLU C 219 -9.66 -14.40 -25.34
CA GLU C 219 -8.82 -13.42 -26.04
C GLU C 219 -9.20 -12.01 -25.58
N SER C 220 -10.49 -11.76 -25.40
CA SER C 220 -10.98 -10.46 -24.94
C SER C 220 -10.38 -10.08 -23.60
N ALA C 221 -10.46 -11.00 -22.64
CA ALA C 221 -9.93 -10.79 -21.30
C ALA C 221 -8.42 -10.62 -21.30
N LEU C 222 -7.72 -11.40 -22.13
CA LEU C 222 -6.27 -11.30 -22.25
C LEU C 222 -5.83 -9.91 -22.73
N LYS C 223 -6.54 -9.37 -23.72
CA LYS C 223 -6.26 -8.03 -24.23
C LYS C 223 -6.41 -6.98 -23.14
N GLU C 224 -7.50 -7.04 -22.37
CA GLU C 224 -7.70 -6.12 -21.27
C GLU C 224 -6.56 -6.21 -20.26
N ALA C 225 -6.13 -7.43 -19.94
CA ALA C 225 -5.00 -7.65 -19.04
C ALA C 225 -3.70 -7.06 -19.60
N MET C 226 -3.38 -7.35 -20.85
CA MET C 226 -2.17 -6.79 -21.51
C MET C 226 -2.07 -5.27 -21.52
N SER C 227 -3.21 -4.61 -21.66
CA SER C 227 -3.22 -3.14 -21.74
C SER C 227 -2.78 -2.52 -20.43
N MET C 228 -2.90 -3.27 -19.34
CA MET C 228 -2.51 -2.82 -18.02
C MET C 228 -1.08 -3.24 -17.68
N ILE C 229 -0.39 -3.94 -18.58
CA ILE C 229 0.95 -4.43 -18.29
C ILE C 229 1.95 -3.62 -19.09
N PRO C 230 2.69 -2.70 -18.44
CA PRO C 230 3.62 -1.84 -19.18
C PRO C 230 4.61 -2.64 -20.02
N MET C 231 5.04 -3.80 -19.54
CA MET C 231 5.94 -4.65 -20.33
C MET C 231 5.28 -5.36 -21.51
N LYS C 232 3.95 -5.33 -21.60
CA LYS C 232 3.23 -5.91 -22.74
C LYS C 232 3.61 -7.37 -23.02
N ARG C 233 3.81 -8.14 -21.96
CA ARG C 233 4.02 -9.57 -22.09
C ARG C 233 3.66 -10.24 -20.78
N MET C 234 3.37 -11.54 -20.88
CA MET C 234 3.17 -12.38 -19.71
C MET C 234 4.52 -12.68 -19.08
N GLY C 235 4.52 -12.98 -17.79
CA GLY C 235 5.70 -13.50 -17.14
C GLY C 235 5.84 -14.98 -17.46
N GLN C 236 7.05 -15.51 -17.25
CA GLN C 236 7.28 -16.96 -17.36
C GLN C 236 7.40 -17.56 -15.96
N ALA C 237 7.00 -18.82 -15.84
CA ALA C 237 7.09 -19.56 -14.57
C ALA C 237 8.50 -19.45 -13.96
N GLU C 238 9.51 -19.52 -14.81
CA GLU C 238 10.91 -19.46 -14.39
C GLU C 238 11.27 -18.13 -13.71
N GLU C 239 10.61 -17.06 -14.13
CA GLU C 239 10.83 -15.76 -13.52
C GLU C 239 10.27 -15.75 -12.10
N VAL C 240 9.08 -16.33 -11.92
CA VAL C 240 8.53 -16.46 -10.58
C VAL C 240 9.48 -17.30 -9.72
N ALA C 241 10.05 -18.36 -10.30
CA ALA C 241 10.97 -19.23 -9.59
C ALA C 241 12.24 -18.52 -9.15
N GLY C 242 12.70 -17.55 -9.94
CA GLY C 242 13.88 -16.77 -9.58
C GLY C 242 13.64 -15.94 -8.32
N LEU C 243 12.43 -15.42 -8.17
CA LEU C 243 12.10 -14.64 -6.98
C LEU C 243 12.02 -15.57 -5.76
N ALA C 244 11.43 -16.74 -5.93
CA ALA C 244 11.34 -17.72 -4.84
C ALA C 244 12.75 -18.13 -4.40
N SER C 245 13.65 -18.28 -5.37
CA SER C 245 15.04 -18.61 -5.12
C SER C 245 15.74 -17.55 -4.25
N TYR C 246 15.52 -16.28 -4.58
CA TYR C 246 16.03 -15.19 -3.77
C TYR C 246 15.48 -15.28 -2.33
N LEU C 247 14.16 -15.37 -2.17
CA LEU C 247 13.56 -15.41 -0.84
C LEU C 247 14.03 -16.61 -0.02
N MET C 248 14.25 -17.72 -0.69
CA MET C 248 14.75 -18.94 -0.04
C MET C 248 16.20 -18.85 0.40
N SER C 249 16.99 -17.94 -0.20
CA SER C 249 18.43 -17.91 0.06
C SER C 249 18.75 -17.34 1.45
N ASP C 250 19.92 -17.70 1.95
CA ASP C 250 20.38 -17.27 3.29
C ASP C 250 20.53 -15.76 3.39
N ILE C 251 20.90 -15.10 2.29
CA ILE C 251 21.09 -13.64 2.31
C ILE C 251 19.76 -12.85 2.44
N ALA C 252 18.63 -13.52 2.27
CA ALA C 252 17.31 -12.89 2.37
C ALA C 252 16.69 -13.00 3.77
N GLY C 253 17.51 -13.21 4.79
CA GLY C 253 17.03 -13.44 6.14
C GLY C 253 16.38 -12.25 6.82
N TYR C 254 16.58 -11.04 6.30
CA TYR C 254 15.97 -9.83 6.89
C TYR C 254 14.70 -9.41 6.15
N VAL C 255 14.35 -10.13 5.10
CA VAL C 255 13.13 -9.86 4.34
C VAL C 255 12.01 -10.73 4.90
N THR C 256 11.04 -10.10 5.55
CA THR C 256 9.89 -10.84 6.07
C THR C 256 8.69 -9.92 6.14
N ARG C 257 7.51 -10.53 6.13
CA ARG C 257 6.25 -9.82 6.15
C ARG C 257 5.94 -9.07 4.83
N GLN C 258 6.64 -9.41 3.74
CA GLN C 258 6.48 -8.72 2.48
C GLN C 258 5.59 -9.45 1.47
N VAL C 259 4.91 -8.67 0.66
CA VAL C 259 4.31 -9.15 -0.57
C VAL C 259 5.14 -8.56 -1.69
N ILE C 260 5.80 -9.41 -2.45
CA ILE C 260 6.61 -8.95 -3.57
C ILE C 260 5.92 -9.33 -4.87
N SER C 261 5.65 -8.32 -5.69
CA SER C 261 4.89 -8.49 -6.91
C SER C 261 5.81 -8.59 -8.11
N ILE C 262 5.56 -9.60 -8.93
CA ILE C 262 6.35 -9.83 -10.14
C ILE C 262 5.34 -9.85 -11.28
N ASN C 263 5.21 -8.69 -11.92
CA ASN C 263 4.04 -8.44 -12.75
C ASN C 263 4.23 -7.52 -13.94
N GLY C 264 5.47 -7.31 -14.37
CA GLY C 264 5.74 -6.50 -15.54
C GLY C 264 5.35 -5.03 -15.38
N GLY C 265 5.22 -4.58 -14.14
CA GLY C 265 4.87 -3.21 -13.83
C GLY C 265 3.39 -2.88 -13.72
N MET C 266 2.54 -3.92 -13.65
CA MET C 266 1.07 -3.72 -13.54
C MET C 266 0.68 -2.78 -12.43
N LEU C 267 1.34 -2.93 -11.28
CA LEU C 267 1.15 -2.06 -10.11
C LEU C 267 2.34 -2.23 -9.14
N SER D 26 -15.06 31.32 13.28
CA SER D 26 -14.47 30.93 14.57
C SER D 26 -13.14 30.27 14.32
N ARG D 27 -13.16 29.18 13.58
CA ARG D 27 -11.93 28.51 13.22
C ARG D 27 -11.61 28.84 11.79
N SER D 28 -10.37 29.24 11.56
CA SER D 28 -9.96 29.64 10.22
C SER D 28 -9.16 28.54 9.52
N VAL D 29 -9.33 28.48 8.21
CA VAL D 29 -8.68 27.48 7.38
C VAL D 29 -8.06 28.19 6.18
N LEU D 30 -6.76 28.02 6.02
CA LEU D 30 -6.02 28.50 4.84
C LEU D 30 -6.16 27.47 3.74
N VAL D 31 -6.62 27.92 2.56
CA VAL D 31 -6.71 27.04 1.39
C VAL D 31 -5.84 27.65 0.29
N THR D 32 -4.69 27.03 0.03
CA THR D 32 -3.84 27.51 -1.06
C THR D 32 -4.45 27.11 -2.40
N GLY D 33 -4.23 27.96 -3.39
CA GLY D 33 -4.78 27.76 -4.72
C GLY D 33 -6.31 27.75 -4.73
N ALA D 34 -6.92 28.71 -4.03
CA ALA D 34 -8.36 28.83 -3.93
C ALA D 34 -9.02 29.70 -5.00
N SER D 35 -8.22 30.16 -5.95
CA SER D 35 -8.71 31.01 -7.06
C SER D 35 -9.39 30.21 -8.20
N LYS D 36 -9.22 28.89 -8.21
CA LYS D 36 -9.85 28.03 -9.22
C LYS D 36 -9.86 26.55 -8.79
N GLY D 37 -10.54 25.73 -9.57
CA GLY D 37 -10.39 24.29 -9.51
C GLY D 37 -10.72 23.71 -8.13
N ILE D 38 -9.90 22.78 -7.72
CA ILE D 38 -10.13 22.04 -6.48
C ILE D 38 -10.04 22.96 -5.28
N GLY D 39 -9.09 23.89 -5.29
CA GLY D 39 -8.95 24.83 -4.16
C GLY D 39 -10.18 25.69 -3.96
N ARG D 40 -10.72 26.21 -5.06
CA ARG D 40 -11.97 26.98 -4.99
C ARG D 40 -13.08 26.14 -4.39
N ALA D 41 -13.24 24.90 -4.87
CA ALA D 41 -14.34 24.06 -4.41
C ALA D 41 -14.15 23.74 -2.92
N ILE D 42 -12.92 23.49 -2.50
CA ILE D 42 -12.63 23.22 -1.08
C ILE D 42 -12.96 24.46 -0.23
N ALA D 43 -12.53 25.62 -0.70
CA ALA D 43 -12.83 26.89 -0.04
C ALA D 43 -14.34 27.07 0.15
N ARG D 44 -15.11 26.86 -0.92
N ARG D 44 -15.08 26.85 -0.92
CA ARG D 44 -16.57 27.04 -0.85
CA ARG D 44 -16.50 27.05 -0.85
C ARG D 44 -17.19 26.07 0.14
C ARG D 44 -17.21 26.07 0.08
N GLN D 45 -16.80 24.80 0.06
CA GLN D 45 -17.41 23.78 0.94
C GLN D 45 -17.08 24.04 2.42
N LEU D 46 -15.81 24.32 2.72
CA LEU D 46 -15.42 24.55 4.10
C LEU D 46 -16.05 25.82 4.67
N ALA D 47 -16.22 26.83 3.81
CA ALA D 47 -16.95 28.05 4.23
C ALA D 47 -18.41 27.70 4.59
N ALA D 48 -19.06 26.91 3.74
CA ALA D 48 -20.42 26.43 4.02
C ALA D 48 -20.47 25.62 5.33
N ASP D 49 -19.42 24.85 5.61
CA ASP D 49 -19.30 24.12 6.89
C ASP D 49 -19.11 25.06 8.08
N GLY D 50 -18.80 26.32 7.83
CA GLY D 50 -18.71 27.32 8.90
C GLY D 50 -17.30 27.80 9.21
N PHE D 51 -16.29 27.29 8.52
CA PHE D 51 -14.92 27.77 8.69
C PHE D 51 -14.71 29.13 8.01
N ASN D 52 -13.94 29.99 8.65
CA ASN D 52 -13.50 31.24 8.07
C ASN D 52 -12.31 30.95 7.14
N ILE D 53 -12.43 31.30 5.84
CA ILE D 53 -11.45 30.86 4.84
C ILE D 53 -10.40 31.91 4.40
N GLY D 54 -9.13 31.52 4.49
CA GLY D 54 -8.06 32.27 3.87
C GLY D 54 -8.00 31.86 2.41
N VAL D 55 -8.58 32.70 1.56
CA VAL D 55 -8.68 32.40 0.14
C VAL D 55 -7.40 32.82 -0.54
N HIS D 56 -6.49 31.87 -0.68
CA HIS D 56 -5.17 32.16 -1.21
C HIS D 56 -5.12 32.10 -2.75
N TYR D 57 -4.32 32.96 -3.35
CA TYR D 57 -4.04 32.86 -4.78
C TYR D 57 -2.58 33.24 -5.02
N HIS D 58 -2.08 32.88 -6.19
CA HIS D 58 -0.72 33.25 -6.59
C HIS D 58 -0.81 34.53 -7.40
N ARG D 59 -1.38 34.43 -8.59
CA ARG D 59 -1.49 35.57 -9.50
C ARG D 59 -2.94 35.90 -9.88
N ASP D 60 -3.87 34.96 -9.72
CA ASP D 60 -5.24 35.15 -10.21
C ASP D 60 -6.13 35.81 -9.13
N ALA D 61 -5.90 37.10 -8.92
CA ALA D 61 -6.61 37.88 -7.91
C ALA D 61 -8.12 37.92 -8.18
N ALA D 62 -8.48 38.09 -9.45
CA ALA D 62 -9.89 38.10 -9.85
C ALA D 62 -10.59 36.78 -9.51
N GLY D 63 -9.93 35.66 -9.80
CA GLY D 63 -10.47 34.35 -9.48
C GLY D 63 -10.67 34.15 -7.98
N ALA D 64 -9.71 34.60 -7.19
CA ALA D 64 -9.82 34.50 -5.74
C ALA D 64 -10.98 35.36 -5.22
N GLN D 65 -11.13 36.56 -5.75
CA GLN D 65 -12.24 37.42 -5.37
C GLN D 65 -13.60 36.81 -5.73
N GLU D 66 -13.68 36.14 -6.88
CA GLU D 66 -14.89 35.43 -7.26
C GLU D 66 -15.20 34.33 -6.25
N THR D 67 -14.17 33.59 -5.83
CA THR D 67 -14.35 32.54 -4.82
C THR D 67 -14.90 33.17 -3.53
N LEU D 68 -14.26 34.25 -3.09
CA LEU D 68 -14.68 34.94 -1.87
C LEU D 68 -16.09 35.51 -1.99
N ASN D 69 -16.42 36.13 -3.14
CA ASN D 69 -17.76 36.69 -3.32
C ASN D 69 -18.83 35.61 -3.16
N ALA D 70 -18.56 34.43 -3.71
CA ALA D 70 -19.50 33.32 -3.58
C ALA D 70 -19.61 32.83 -2.14
N ILE D 71 -18.48 32.77 -1.43
CA ILE D 71 -18.50 32.45 -0.01
C ILE D 71 -19.39 33.41 0.77
N VAL D 72 -19.16 34.71 0.57
CA VAL D 72 -19.90 35.74 1.29
C VAL D 72 -21.40 35.72 0.92
N ALA D 73 -21.69 35.61 -0.37
CA ALA D 73 -23.08 35.56 -0.83
C ALA D 73 -23.86 34.38 -0.25
N ASN D 74 -23.16 33.30 0.12
CA ASN D 74 -23.81 32.16 0.74
C ASN D 74 -23.82 32.23 2.26
N GLY D 75 -23.46 33.36 2.84
CA GLY D 75 -23.50 33.54 4.30
C GLY D 75 -22.23 33.11 5.05
N GLY D 76 -21.14 32.89 4.33
CA GLY D 76 -19.86 32.55 4.95
C GLY D 76 -18.90 33.72 5.05
N ASN D 77 -17.68 33.42 5.52
CA ASN D 77 -16.65 34.42 5.76
C ASN D 77 -15.29 34.00 5.28
N GLY D 78 -14.49 34.98 4.92
CA GLY D 78 -13.14 34.72 4.48
C GLY D 78 -12.42 35.99 4.09
N ARG D 79 -11.18 35.84 3.64
CA ARG D 79 -10.39 36.97 3.19
C ARG D 79 -9.35 36.49 2.19
N LEU D 80 -8.91 37.42 1.34
CA LEU D 80 -7.90 37.14 0.35
C LEU D 80 -6.50 37.27 0.93
N LEU D 81 -5.60 36.43 0.44
CA LEU D 81 -4.18 36.59 0.70
C LEU D 81 -3.43 35.94 -0.45
N SER D 82 -2.15 36.30 -0.59
CA SER D 82 -1.39 35.92 -1.75
C SER D 82 0.05 35.62 -1.40
N PHE D 83 0.59 34.61 -2.05
CA PHE D 83 2.02 34.33 -2.04
C PHE D 83 2.36 33.23 -3.02
N ASP D 84 3.63 33.20 -3.44
CA ASP D 84 4.21 32.17 -4.28
C ASP D 84 4.71 31.07 -3.35
N VAL D 85 4.12 29.88 -3.44
CA VAL D 85 4.46 28.78 -2.51
C VAL D 85 5.88 28.29 -2.71
N ALA D 86 6.49 28.65 -3.83
CA ALA D 86 7.90 28.34 -4.07
C ALA D 86 8.83 29.37 -3.45
N ASN D 87 8.27 30.48 -2.95
CA ASN D 87 9.07 31.56 -2.41
C ASN D 87 9.00 31.47 -0.89
N ARG D 88 10.01 30.85 -0.31
CA ARG D 88 10.00 30.56 1.11
C ARG D 88 9.84 31.81 1.97
N GLU D 89 10.64 32.83 1.65
CA GLU D 89 10.66 34.06 2.45
C GLU D 89 9.31 34.76 2.39
N GLN D 90 8.72 34.84 1.20
CA GLN D 90 7.43 35.49 1.06
C GLN D 90 6.33 34.73 1.83
N CYS D 91 6.35 33.40 1.76
CA CYS D 91 5.41 32.58 2.53
C CYS D 91 5.51 32.88 4.03
N ARG D 92 6.72 32.90 4.55
CA ARG D 92 6.92 33.16 5.97
C ARG D 92 6.44 34.56 6.34
N GLU D 93 6.82 35.55 5.55
CA GLU D 93 6.44 36.93 5.82
C GLU D 93 4.93 37.11 5.83
N VAL D 94 4.24 36.62 4.78
CA VAL D 94 2.80 36.79 4.70
C VAL D 94 2.11 36.01 5.83
N LEU D 95 2.53 34.78 6.07
CA LEU D 95 1.85 33.94 7.03
C LEU D 95 2.05 34.44 8.46
N GLU D 96 3.27 34.92 8.78
CA GLU D 96 3.53 35.46 10.12
C GLU D 96 2.68 36.70 10.35
N HIS D 97 2.55 37.54 9.32
CA HIS D 97 1.70 38.71 9.41
C HIS D 97 0.23 38.35 9.61
N GLU D 98 -0.25 37.39 8.82
CA GLU D 98 -1.63 36.94 8.92
C GLU D 98 -1.93 36.38 10.32
N ILE D 99 -1.00 35.59 10.83
CA ILE D 99 -1.16 34.96 12.14
C ILE D 99 -1.10 36.00 13.28
N ALA D 100 -0.22 36.99 13.15
CA ALA D 100 -0.12 38.09 14.12
C ALA D 100 -1.39 38.89 14.15
N GLN D 101 -1.96 39.14 12.98
CA GLN D 101 -3.14 39.95 12.88
C GLN D 101 -4.43 39.22 13.27
N HIS D 102 -4.57 37.96 12.86
CA HIS D 102 -5.84 37.24 12.98
C HIS D 102 -5.82 36.02 13.89
N GLY D 103 -4.65 35.66 14.40
CA GLY D 103 -4.50 34.43 15.18
C GLY D 103 -4.15 33.25 14.29
N ALA D 104 -3.80 32.15 14.95
CA ALA D 104 -3.38 30.93 14.27
C ALA D 104 -4.49 30.35 13.39
N TRP D 105 -4.11 29.73 12.28
CA TRP D 105 -5.03 28.90 11.50
C TRP D 105 -5.37 27.66 12.29
N TYR D 106 -6.62 27.22 12.18
CA TYR D 106 -7.05 25.92 12.69
C TYR D 106 -6.74 24.84 11.67
N GLY D 107 -6.97 25.17 10.41
CA GLY D 107 -6.69 24.24 9.34
C GLY D 107 -5.83 24.83 8.26
N VAL D 108 -5.08 23.96 7.61
CA VAL D 108 -4.30 24.32 6.45
C VAL D 108 -4.54 23.26 5.39
N VAL D 109 -5.05 23.70 4.24
CA VAL D 109 -5.20 22.85 3.09
C VAL D 109 -4.17 23.29 2.04
N SER D 110 -3.14 22.46 1.88
CA SER D 110 -2.03 22.74 0.98
C SER D 110 -2.36 22.12 -0.36
N ASN D 111 -3.08 22.90 -1.15
CA ASN D 111 -3.67 22.46 -2.39
C ASN D 111 -2.91 22.93 -3.64
N ALA D 112 -2.28 24.10 -3.59
CA ALA D 112 -1.65 24.67 -4.78
C ALA D 112 -0.68 23.67 -5.41
N GLY D 113 -0.74 23.53 -6.72
CA GLY D 113 0.20 22.66 -7.42
C GLY D 113 0.23 22.93 -8.91
N ILE D 114 1.30 22.49 -9.55
CA ILE D 114 1.45 22.58 -11.01
C ILE D 114 1.99 21.27 -11.58
N ALA D 115 1.86 21.11 -12.89
CA ALA D 115 2.46 20.05 -13.65
C ALA D 115 3.27 20.62 -14.82
N ARG D 116 4.41 20.00 -15.13
CA ARG D 116 5.23 20.36 -16.30
C ARG D 116 5.68 19.05 -16.95
N ASP D 117 4.81 18.46 -17.74
CA ASP D 117 4.97 17.11 -18.25
C ASP D 117 5.92 17.02 -19.45
N ALA D 118 6.69 15.95 -19.49
CA ALA D 118 7.52 15.56 -20.64
C ALA D 118 8.10 14.19 -20.33
N ALA D 119 8.46 13.45 -21.37
CA ALA D 119 9.19 12.19 -21.19
C ALA D 119 10.47 12.48 -20.39
N PHE D 120 10.85 11.52 -19.54
CA PHE D 120 11.95 11.74 -18.60
C PHE D 120 13.23 12.29 -19.25
N PRO D 121 13.67 11.70 -20.37
CA PRO D 121 14.89 12.19 -21.03
C PRO D 121 14.76 13.57 -21.67
N ALA D 122 13.53 14.05 -21.86
CA ALA D 122 13.26 15.36 -22.46
C ALA D 122 12.91 16.42 -21.41
N LEU D 123 12.87 16.03 -20.14
CA LEU D 123 12.47 16.94 -19.07
C LEU D 123 13.56 18.01 -18.87
N SER D 124 13.20 19.28 -18.99
CA SER D 124 14.18 20.36 -18.83
C SER D 124 14.49 20.57 -17.35
N ASN D 125 15.57 21.30 -17.08
CA ASN D 125 15.93 21.72 -15.73
C ASN D 125 14.77 22.43 -15.06
N ASP D 126 14.13 23.36 -15.79
CA ASP D 126 12.99 24.08 -15.25
C ASP D 126 11.77 23.20 -15.01
N ASP D 127 11.50 22.25 -15.91
CA ASP D 127 10.38 21.31 -15.73
C ASP D 127 10.52 20.53 -14.39
N TRP D 128 11.73 20.04 -14.12
CA TRP D 128 11.99 19.33 -12.88
C TRP D 128 11.90 20.27 -11.68
N ASP D 129 12.70 21.32 -11.68
CA ASP D 129 12.79 22.23 -10.54
C ASP D 129 11.48 22.94 -10.24
N ALA D 130 10.76 23.43 -11.25
CA ALA D 130 9.51 24.13 -10.97
C ALA D 130 8.49 23.20 -10.27
N VAL D 131 8.44 21.94 -10.67
CA VAL D 131 7.49 20.98 -10.09
C VAL D 131 7.92 20.57 -8.67
N ILE D 132 9.19 20.25 -8.46
CA ILE D 132 9.68 19.93 -7.12
C ILE D 132 9.57 21.13 -6.16
N HIS D 133 10.04 22.31 -6.62
CA HIS D 133 10.02 23.52 -5.78
C HIS D 133 8.63 23.97 -5.44
N THR D 134 7.70 23.87 -6.38
CA THR D 134 6.37 24.35 -6.15
C THR D 134 5.55 23.32 -5.37
N ASN D 135 5.55 22.08 -5.82
CA ASN D 135 4.69 21.07 -5.24
C ASN D 135 5.23 20.50 -3.94
N LEU D 136 6.53 20.26 -3.84
CA LEU D 136 7.05 19.61 -2.64
C LEU D 136 7.60 20.60 -1.61
N ASP D 137 8.41 21.58 -2.04
CA ASP D 137 8.98 22.54 -1.11
C ASP D 137 7.87 23.35 -0.45
N SER D 138 6.72 23.46 -1.11
CA SER D 138 5.59 24.18 -0.55
C SER D 138 5.12 23.58 0.78
N PHE D 139 5.33 22.29 0.97
CA PHE D 139 4.99 21.64 2.25
C PHE D 139 5.72 22.36 3.39
N TYR D 140 7.02 22.53 3.22
CA TYR D 140 7.81 23.23 4.20
C TYR D 140 7.49 24.72 4.24
N ASN D 141 7.45 25.36 3.09
CA ASN D 141 7.27 26.82 3.00
C ASN D 141 5.93 27.31 3.54
N VAL D 142 4.86 26.54 3.28
CA VAL D 142 3.53 26.94 3.68
C VAL D 142 3.20 26.41 5.06
N ILE D 143 3.50 25.15 5.34
CA ILE D 143 3.04 24.52 6.56
C ILE D 143 3.89 24.88 7.78
N GLN D 144 5.21 24.93 7.64
CA GLN D 144 6.04 25.17 8.80
C GLN D 144 5.66 26.43 9.60
N PRO D 145 5.42 27.58 8.94
CA PRO D 145 5.07 28.76 9.73
C PRO D 145 3.75 28.64 10.47
N CYS D 146 2.89 27.70 10.06
CA CYS D 146 1.58 27.53 10.68
C CYS D 146 1.57 26.61 11.91
N ILE D 147 2.62 25.82 12.10
CA ILE D 147 2.58 24.75 13.10
C ILE D 147 2.67 25.21 14.56
N MET D 148 3.70 25.96 14.92
CA MET D 148 3.81 26.38 16.31
C MET D 148 2.60 27.21 16.75
N PRO D 149 2.13 28.13 15.90
CA PRO D 149 0.92 28.85 16.30
C PRO D 149 -0.30 27.92 16.48
N MET D 150 -0.46 26.95 15.61
CA MET D 150 -1.59 26.00 15.70
C MET D 150 -1.50 25.25 17.03
N ILE D 151 -0.28 24.84 17.39
CA ILE D 151 -0.05 24.19 18.68
C ILE D 151 -0.33 25.17 19.84
N GLY D 152 0.20 26.39 19.72
CA GLY D 152 0.02 27.40 20.74
C GLY D 152 -1.43 27.72 21.03
N ALA D 153 -2.29 27.67 20.01
CA ALA D 153 -3.70 27.99 20.20
C ALA D 153 -4.47 26.92 20.99
N ARG D 154 -3.94 25.70 21.05
CA ARG D 154 -4.54 24.60 21.81
C ARG D 154 -5.97 24.25 21.40
N GLN D 155 -6.33 24.46 20.13
CA GLN D 155 -7.65 24.06 19.65
C GLN D 155 -7.57 22.75 18.87
N GLY D 156 -6.40 22.14 18.82
CA GLY D 156 -6.13 21.06 17.89
C GLY D 156 -6.05 21.64 16.48
N GLY D 157 -6.23 20.80 15.47
CA GLY D 157 -6.12 21.31 14.10
C GLY D 157 -6.23 20.26 13.02
N ARG D 158 -6.08 20.72 11.79
CA ARG D 158 -6.21 19.90 10.61
C ARG D 158 -5.21 20.36 9.56
N ILE D 159 -4.41 19.43 9.07
CA ILE D 159 -3.57 19.66 7.90
C ILE D 159 -3.96 18.64 6.84
N ILE D 160 -4.27 19.14 5.67
CA ILE D 160 -4.66 18.33 4.53
C ILE D 160 -3.78 18.73 3.34
N THR D 161 -3.07 17.77 2.79
CA THR D 161 -2.27 17.99 1.59
C THR D 161 -2.95 17.37 0.37
N LEU D 162 -2.61 17.90 -0.79
CA LEU D 162 -3.11 17.36 -2.04
C LEU D 162 -1.97 16.67 -2.74
N SER D 163 -2.11 15.35 -2.90
CA SER D 163 -1.19 14.60 -3.73
C SER D 163 -1.94 14.24 -5.01
N SER D 164 -1.78 13.01 -5.49
CA SER D 164 -2.36 12.58 -6.72
C SER D 164 -2.17 11.08 -6.84
N VAL D 165 -3.05 10.46 -7.61
CA VAL D 165 -2.85 9.08 -8.02
C VAL D 165 -1.44 8.88 -8.64
N SER D 166 -0.93 9.87 -9.39
CA SER D 166 0.44 9.76 -9.93
C SER D 166 1.49 9.63 -8.86
N GLY D 167 1.26 10.25 -7.72
CA GLY D 167 2.16 10.12 -6.57
C GLY D 167 2.09 8.74 -5.90
N VAL D 168 0.96 8.08 -6.00
CA VAL D 168 0.78 6.72 -5.43
C VAL D 168 1.36 5.65 -6.36
N MET D 169 1.09 5.77 -7.66
CA MET D 169 1.42 4.70 -8.61
C MET D 169 2.46 5.04 -9.63
N GLY D 170 2.78 6.33 -9.76
CA GLY D 170 3.60 6.78 -10.87
C GLY D 170 2.76 6.95 -12.13
N ASN D 171 3.17 7.85 -12.99
CA ASN D 171 2.52 8.08 -14.27
C ASN D 171 3.54 8.44 -15.34
N ARG D 172 3.43 7.81 -16.51
CA ARG D 172 4.35 8.08 -17.60
C ARG D 172 4.24 9.53 -18.04
N GLY D 173 5.37 10.09 -18.47
CA GLY D 173 5.45 11.49 -18.88
C GLY D 173 5.43 12.47 -17.72
N GLN D 174 5.48 11.98 -16.48
CA GLN D 174 5.36 12.83 -15.29
C GLN D 174 6.28 12.38 -14.18
N VAL D 175 7.51 12.01 -14.48
CA VAL D 175 8.41 11.58 -13.43
C VAL D 175 8.56 12.69 -12.36
N ASN D 176 8.62 13.94 -12.79
CA ASN D 176 8.73 15.07 -11.87
C ASN D 176 7.51 15.23 -10.95
N TYR D 177 6.31 15.14 -11.52
CA TYR D 177 5.07 15.33 -10.80
C TYR D 177 4.82 14.15 -9.85
N SER D 178 5.06 12.93 -10.34
CA SER D 178 4.97 11.73 -9.52
C SER D 178 5.92 11.83 -8.33
N ALA D 179 7.14 12.29 -8.56
CA ALA D 179 8.11 12.43 -7.49
C ALA D 179 7.62 13.45 -6.45
N ALA D 180 7.20 14.64 -6.91
CA ALA D 180 6.77 15.69 -5.98
C ALA D 180 5.56 15.23 -5.18
N LYS D 181 4.59 14.64 -5.87
CA LYS D 181 3.35 14.22 -5.24
C LYS D 181 3.54 13.04 -4.28
N ALA D 182 4.44 12.12 -4.63
CA ALA D 182 4.82 11.06 -3.68
C ALA D 182 5.57 11.63 -2.49
N GLY D 183 6.42 12.63 -2.74
CA GLY D 183 7.10 13.30 -1.63
C GLY D 183 6.13 13.94 -0.63
N ILE D 184 5.04 14.51 -1.12
CA ILE D 184 4.00 15.07 -0.26
C ILE D 184 3.39 14.02 0.68
N ILE D 185 3.17 12.84 0.14
CA ILE D 185 2.65 11.71 0.94
C ILE D 185 3.61 11.38 2.08
N GLY D 186 4.89 11.24 1.79
CA GLY D 186 5.90 10.97 2.82
C GLY D 186 5.99 12.05 3.89
N ALA D 187 6.00 13.31 3.47
CA ALA D 187 6.00 14.45 4.41
C ALA D 187 4.77 14.40 5.30
N THR D 188 3.62 14.17 4.69
CA THR D 188 2.34 14.12 5.40
C THR D 188 2.33 13.04 6.46
N LYS D 189 2.78 11.85 6.10
CA LYS D 189 2.82 10.76 7.05
C LYS D 189 3.76 11.05 8.23
N ALA D 190 4.93 11.60 7.94
CA ALA D 190 5.89 11.90 9.00
C ALA D 190 5.36 12.97 9.93
N LEU D 191 4.77 14.02 9.37
CA LEU D 191 4.23 15.08 10.22
C LEU D 191 3.03 14.60 11.06
N ALA D 192 2.21 13.70 10.49
CA ALA D 192 1.10 13.10 11.24
C ALA D 192 1.58 12.49 12.57
N ILE D 193 2.67 11.75 12.50
CA ILE D 193 3.22 11.08 13.70
C ILE D 193 3.66 12.12 14.71
N GLU D 194 4.34 13.17 14.25
CA GLU D 194 4.83 14.22 15.17
C GLU D 194 3.69 14.96 15.88
N LEU D 195 2.58 15.19 15.19
CA LEU D 195 1.53 16.05 15.72
C LEU D 195 0.36 15.32 16.38
N ALA D 196 0.41 13.99 16.36
CA ALA D 196 -0.73 13.18 16.81
C ALA D 196 -1.13 13.48 18.26
N LYS D 197 -0.14 13.59 19.15
CA LYS D 197 -0.39 13.91 20.57
C LYS D 197 -0.94 15.30 20.76
N ARG D 198 -0.79 16.17 19.76
CA ARG D 198 -1.28 17.54 19.86
C ARG D 198 -2.67 17.75 19.23
N LYS D 199 -3.33 16.64 18.87
CA LYS D 199 -4.68 16.64 18.34
C LYS D 199 -4.79 17.41 17.03
N ILE D 200 -3.72 17.37 16.27
CA ILE D 200 -3.72 17.88 14.92
C ILE D 200 -3.61 16.66 14.03
N THR D 201 -4.58 16.46 13.16
CA THR D 201 -4.50 15.39 12.19
C THR D 201 -3.84 15.90 10.93
N VAL D 202 -3.15 15.00 10.27
CA VAL D 202 -2.42 15.30 9.05
C VAL D 202 -2.70 14.18 8.06
N ASN D 203 -3.37 14.51 6.97
CA ASN D 203 -3.78 13.55 5.98
C ASN D 203 -3.57 14.12 4.57
N CYS D 204 -3.59 13.22 3.60
CA CYS D 204 -3.39 13.55 2.22
C CYS D 204 -4.58 13.07 1.38
N ILE D 205 -5.07 13.93 0.50
CA ILE D 205 -6.04 13.52 -0.51
C ILE D 205 -5.33 13.32 -1.84
N ALA D 206 -5.51 12.15 -2.47
CA ALA D 206 -4.94 11.83 -3.77
C ALA D 206 -6.04 11.69 -4.80
N PRO D 207 -6.39 12.79 -5.47
CA PRO D 207 -7.42 12.64 -6.50
C PRO D 207 -6.88 11.90 -7.72
N GLY D 208 -7.77 11.27 -8.46
CA GLY D 208 -7.48 10.76 -9.78
C GLY D 208 -7.64 11.90 -10.77
N LEU D 209 -8.33 11.65 -11.88
CA LEU D 209 -8.53 12.66 -12.89
C LEU D 209 -9.75 13.52 -12.55
N ILE D 210 -9.50 14.80 -12.27
CA ILE D 210 -10.54 15.76 -11.89
C ILE D 210 -10.71 16.83 -12.97
N ASP D 211 -11.96 17.14 -13.31
CA ASP D 211 -12.28 18.09 -14.36
C ASP D 211 -12.00 19.56 -13.95
N THR D 212 -10.78 20.03 -14.16
CA THR D 212 -10.38 21.41 -13.88
C THR D 212 -9.52 21.91 -15.04
N GLY D 213 -9.09 23.17 -14.94
CA GLY D 213 -8.18 23.76 -15.92
C GLY D 213 -6.79 23.14 -15.97
N MET D 214 -6.41 22.37 -14.95
CA MET D 214 -5.09 21.74 -14.95
C MET D 214 -4.95 20.69 -16.05
N ILE D 215 -6.04 19.99 -16.35
CA ILE D 215 -6.09 18.90 -17.30
C ILE D 215 -6.30 19.42 -18.72
N GLU D 216 -5.35 19.16 -19.61
CA GLU D 216 -5.49 19.49 -21.02
C GLU D 216 -5.13 18.26 -21.87
N MET D 217 -6.15 17.53 -22.30
CA MET D 217 -5.93 16.29 -23.07
C MET D 217 -6.70 16.31 -24.39
N GLU D 218 -6.08 15.76 -25.43
CA GLU D 218 -6.78 15.45 -26.69
C GLU D 218 -7.84 14.38 -26.43
N GLU D 219 -8.78 14.22 -27.35
CA GLU D 219 -9.81 13.19 -27.26
C GLU D 219 -9.18 11.79 -27.16
N SER D 220 -8.14 11.57 -27.95
CA SER D 220 -7.42 10.29 -27.92
C SER D 220 -6.87 9.98 -26.52
N ALA D 221 -6.18 10.96 -25.94
CA ALA D 221 -5.58 10.80 -24.61
C ALA D 221 -6.63 10.62 -23.52
N LEU D 222 -7.74 11.35 -23.64
CA LEU D 222 -8.84 11.24 -22.70
C LEU D 222 -9.43 9.82 -22.68
N LYS D 223 -9.62 9.22 -23.86
CA LYS D 223 -10.10 7.84 -23.98
C LYS D 223 -9.17 6.85 -23.29
N GLU D 224 -7.87 6.98 -23.53
CA GLU D 224 -6.90 6.13 -22.83
C GLU D 224 -7.01 6.27 -21.32
N ALA D 225 -7.15 7.50 -20.84
CA ALA D 225 -7.30 7.75 -19.40
C ALA D 225 -8.58 7.12 -18.84
N MET D 226 -9.69 7.34 -19.53
CA MET D 226 -10.97 6.74 -19.14
C MET D 226 -11.00 5.23 -19.06
N SER D 227 -10.22 4.57 -19.90
CA SER D 227 -10.21 3.12 -19.93
C SER D 227 -9.65 2.53 -18.62
N MET D 228 -8.86 3.32 -17.89
CA MET D 228 -8.30 2.91 -16.61
C MET D 228 -9.17 3.32 -15.42
N ILE D 229 -10.31 3.96 -15.68
CA ILE D 229 -11.19 4.44 -14.62
C ILE D 229 -12.47 3.63 -14.69
N PRO D 230 -12.66 2.70 -13.73
CA PRO D 230 -13.88 1.89 -13.74
C PRO D 230 -15.17 2.71 -13.80
N MET D 231 -15.21 3.86 -13.16
CA MET D 231 -16.41 4.70 -13.23
C MET D 231 -16.58 5.44 -14.58
N LYS D 232 -15.58 5.39 -15.45
CA LYS D 232 -15.69 5.96 -16.82
C LYS D 232 -16.12 7.43 -16.83
N ARG D 233 -15.61 8.20 -15.88
CA ARG D 233 -15.81 9.63 -15.87
C ARG D 233 -14.74 10.28 -15.02
N MET D 234 -14.54 11.58 -15.24
CA MET D 234 -13.68 12.39 -14.39
C MET D 234 -14.40 12.68 -13.09
N GLY D 235 -13.64 12.94 -12.05
CA GLY D 235 -14.22 13.48 -10.83
C GLY D 235 -14.50 14.97 -11.00
N GLN D 236 -15.35 15.52 -10.15
CA GLN D 236 -15.61 16.95 -10.09
C GLN D 236 -14.89 17.53 -8.89
N ALA D 237 -14.43 18.78 -9.02
CA ALA D 237 -13.79 19.51 -7.92
C ALA D 237 -14.60 19.41 -6.61
N GLU D 238 -15.92 19.51 -6.73
CA GLU D 238 -16.82 19.45 -5.58
C GLU D 238 -16.77 18.14 -4.83
N GLU D 239 -16.48 17.07 -5.56
CA GLU D 239 -16.33 15.76 -4.93
C GLU D 239 -15.06 15.72 -4.08
N VAL D 240 -13.98 16.29 -4.60
CA VAL D 240 -12.75 16.38 -3.83
C VAL D 240 -13.01 17.23 -2.57
N ALA D 241 -13.80 18.28 -2.74
CA ALA D 241 -14.13 19.15 -1.62
C ALA D 241 -14.94 18.43 -0.54
N GLY D 242 -15.79 17.49 -0.93
CA GLY D 242 -16.56 16.69 0.04
C GLY D 242 -15.66 15.84 0.92
N LEU D 243 -14.59 15.32 0.35
CA LEU D 243 -13.64 14.55 1.15
C LEU D 243 -12.86 15.46 2.12
N ALA D 244 -12.45 16.63 1.65
CA ALA D 244 -11.79 17.60 2.51
C ALA D 244 -12.69 18.01 3.68
N SER D 245 -13.99 18.17 3.39
CA SER D 245 -14.98 18.52 4.38
C SER D 245 -15.06 17.46 5.48
N TYR D 246 -15.07 16.19 5.08
CA TYR D 246 -15.03 15.09 6.05
C TYR D 246 -13.76 15.17 6.92
N LEU D 247 -12.60 15.27 6.29
CA LEU D 247 -11.33 15.27 7.05
C LEU D 247 -11.24 16.48 8.01
N MET D 248 -11.80 17.62 7.58
CA MET D 248 -11.82 18.81 8.41
C MET D 248 -12.79 18.71 9.59
N SER D 249 -13.76 17.81 9.54
CA SER D 249 -14.81 17.77 10.57
C SER D 249 -14.28 17.21 11.89
N ASP D 250 -14.96 17.58 12.97
CA ASP D 250 -14.58 17.13 14.32
C ASP D 250 -14.64 15.61 14.47
N ILE D 251 -15.59 14.97 13.79
CA ILE D 251 -15.74 13.49 13.92
C ILE D 251 -14.59 12.70 13.28
N ALA D 252 -13.74 13.37 12.51
CA ALA D 252 -12.60 12.73 11.84
C ALA D 252 -11.29 12.84 12.64
N GLY D 253 -11.38 13.08 13.94
CA GLY D 253 -10.20 13.32 14.77
C GLY D 253 -9.28 12.13 14.97
N TYR D 254 -9.74 10.92 14.64
CA TYR D 254 -8.93 9.72 14.80
C TYR D 254 -8.32 9.27 13.48
N VAL D 255 -8.61 10.00 12.39
CA VAL D 255 -8.05 9.72 11.08
C VAL D 255 -6.81 10.59 10.91
N THR D 256 -5.64 9.95 10.86
CA THR D 256 -4.41 10.68 10.62
C THR D 256 -3.39 9.75 10.00
N ARG D 257 -2.40 10.36 9.34
CA ARG D 257 -1.36 9.62 8.63
C ARG D 257 -1.87 8.89 7.35
N GLN D 258 -3.05 9.23 6.86
CA GLN D 258 -3.66 8.54 5.72
C GLN D 258 -3.51 9.28 4.39
N VAL D 259 -3.40 8.49 3.32
CA VAL D 259 -3.62 8.97 1.96
C VAL D 259 -4.95 8.40 1.50
N ILE D 260 -5.93 9.26 1.28
CA ILE D 260 -7.23 8.82 0.82
C ILE D 260 -7.39 9.19 -0.66
N SER D 261 -7.63 8.18 -1.48
CA SER D 261 -7.72 8.36 -2.93
C SER D 261 -9.17 8.48 -3.39
N ILE D 262 -9.45 9.49 -4.21
CA ILE D 262 -10.77 9.75 -4.74
C ILE D 262 -10.61 9.77 -6.25
N ASN D 263 -10.87 8.64 -6.87
CA ASN D 263 -10.38 8.40 -8.23
C ASN D 263 -11.23 7.51 -9.10
N GLY D 264 -12.48 7.28 -8.70
CA GLY D 264 -13.40 6.47 -9.50
C GLY D 264 -13.00 5.02 -9.63
N GLY D 265 -12.17 4.55 -8.69
CA GLY D 265 -11.73 3.17 -8.67
C GLY D 265 -10.48 2.83 -9.48
N MET D 266 -9.74 3.85 -9.91
CA MET D 266 -8.48 3.64 -10.66
C MET D 266 -7.55 2.67 -9.95
N LEU D 267 -7.46 2.82 -8.63
CA LEU D 267 -6.67 1.91 -7.76
C LEU D 267 -7.14 2.10 -6.31
PA NAP E . -18.84 -6.38 18.74
O1A NAP E . -18.25 -7.73 19.08
O2A NAP E . -19.10 -5.24 19.68
O5B NAP E . -20.22 -6.59 17.92
C5B NAP E . -20.24 -7.69 17.02
C4B NAP E . -21.54 -7.72 16.20
O4B NAP E . -21.35 -8.80 15.28
C3B NAP E . -22.77 -8.05 17.05
O3B NAP E . -23.88 -7.18 16.78
C2B NAP E . -23.07 -9.51 16.74
O2B NAP E . -24.45 -9.90 16.85
C1B NAP E . -22.52 -9.62 15.32
N9A NAP E . -22.21 -11.01 15.02
C8A NAP E . -21.26 -11.80 15.56
N7A NAP E . -21.26 -13.03 14.99
C5A NAP E . -22.28 -13.05 14.12
C6A NAP E . -22.88 -14.02 13.20
N6A NAP E . -22.40 -15.27 13.12
N1A NAP E . -23.90 -13.61 12.47
C2A NAP E . -24.42 -12.38 12.52
N3A NAP E . -23.92 -11.43 13.31
C4A NAP E . -22.89 -11.72 14.12
O3 NAP E . -17.90 -5.99 17.48
PN NAP E . -17.38 -4.51 17.12
O1N NAP E . -16.14 -4.25 17.96
O2N NAP E . -18.50 -3.49 17.13
O5D NAP E . -16.84 -4.93 15.67
C5D NAP E . -17.63 -4.72 14.50
C4D NAP E . -16.78 -4.97 13.27
O4D NAP E . -15.61 -4.12 13.38
C3D NAP E . -16.28 -6.40 13.16
O3D NAP E . -16.24 -6.90 11.79
C2D NAP E . -14.86 -6.29 13.72
O2D NAP E . -14.00 -7.32 13.23
C1D NAP E . -14.45 -4.92 13.23
N1N NAP E . -13.33 -4.32 13.95
C2N NAP E . -13.41 -4.03 15.26
C3N NAP E . -12.32 -3.46 15.94
C7N NAP E . -12.34 -3.14 17.41
O7N NAP E . -11.30 -2.81 17.98
N7N NAP E . -13.49 -3.19 18.08
C4N NAP E . -11.18 -3.18 15.21
C5N NAP E . -11.11 -3.47 13.85
C6N NAP E . -12.21 -4.04 13.25
P2B NAP E . -25.10 -10.26 18.31
O1X NAP E . -24.60 -11.66 18.51
O2X NAP E . -24.54 -9.31 19.31
O3X NAP E . -26.56 -10.07 18.07
PA NAP F . 26.46 6.23 4.43
O1A NAP F . 26.32 7.39 5.36
O2A NAP F . 27.18 5.01 4.95
O5B NAP F . 26.99 6.58 2.99
C5B NAP F . 26.57 7.79 2.39
C4B NAP F . 27.11 7.72 0.98
O4B NAP F . 26.44 8.74 0.25
C3B NAP F . 28.62 8.03 0.96
O3B NAP F . 29.30 7.18 0.01
C2B NAP F . 28.66 9.49 0.50
O2B NAP F . 29.87 9.82 -0.20
C1B NAP F . 27.42 9.58 -0.40
N9A NAP F . 27.02 10.99 -0.51
C8A NAP F . 26.58 11.79 0.50
N7A NAP F . 26.30 13.04 0.03
C5A NAP F . 26.60 13.03 -1.29
C6A NAP F . 26.56 14.01 -2.38
N6A NAP F . 26.14 15.26 -2.11
N1A NAP F . 26.96 13.64 -3.63
C2A NAP F . 27.37 12.38 -3.88
N3A NAP F . 27.43 11.42 -2.93
C4A NAP F . 27.06 11.69 -1.65
O3 NAP F . 24.94 5.87 3.92
PN NAP F . 24.23 4.40 3.99
O1N NAP F . 23.83 4.31 5.42
O2N NAP F . 24.92 3.33 3.16
O5D NAP F . 22.92 4.72 3.07
C5D NAP F . 22.95 4.59 1.66
C4D NAP F . 21.55 4.86 1.12
O4D NAP F . 20.62 4.00 1.77
C3D NAP F . 21.11 6.31 1.38
O3D NAP F . 20.37 6.77 0.24
C2D NAP F . 20.23 6.20 2.60
O2D NAP F . 19.25 7.22 2.66
C1D NAP F . 19.63 4.79 2.43
N1N NAP F . 19.18 4.16 3.69
C2N NAP F . 19.99 3.91 4.72
C3N NAP F . 19.49 3.32 5.88
C7N NAP F . 20.32 3.00 7.08
O7N NAP F . 19.73 2.70 8.13
N7N NAP F . 21.67 3.05 7.03
C4N NAP F . 18.12 3.00 5.95
C5N NAP F . 17.31 3.24 4.87
C6N NAP F . 17.86 3.84 3.75
P2B NAP F . 31.24 10.17 0.61
O1X NAP F . 31.09 11.59 1.06
O2X NAP F . 31.36 9.34 1.84
O3X NAP F . 32.24 9.97 -0.51
PA NAP G . -1.60 -24.39 -12.49
O1A NAP G . -3.09 -24.27 -12.80
O2A NAP G . -0.61 -24.47 -13.63
O5B NAP G . -1.31 -25.58 -11.47
C5B NAP G . -2.05 -25.70 -10.24
C4B NAP G . -1.27 -26.62 -9.33
O4B NAP G . -1.92 -26.72 -8.05
C3B NAP G . -1.20 -28.02 -9.93
O3B NAP G . 0.11 -28.58 -9.75
C2B NAP G . -2.28 -28.79 -9.19
O2B NAP G . -2.01 -30.20 -9.05
C1B NAP G . -2.35 -28.07 -7.84
N9A NAP G . -3.73 -28.16 -7.30
C8A NAP G . -4.90 -27.75 -7.85
N7A NAP G . -5.94 -28.03 -7.01
C5A NAP G . -5.42 -28.62 -5.91
C6A NAP G . -5.92 -29.17 -4.63
N6A NAP G . -7.25 -29.14 -4.36
N1A NAP G . -5.03 -29.68 -3.76
C2A NAP G . -3.71 -29.71 -4.01
N3A NAP G . -3.18 -29.22 -5.15
C4A NAP G . -3.97 -28.69 -6.11
O3 NAP G . -1.26 -23.17 -11.46
PN NAP G . -0.18 -22.02 -11.75
O1N NAP G . -0.69 -21.20 -12.91
O2N NAP G . 1.22 -22.61 -11.81
O5D NAP G . -0.34 -21.17 -10.38
C5D NAP G . 0.23 -21.59 -9.13
C4D NAP G . -0.06 -20.54 -8.05
O4D NAP G . 0.30 -19.22 -8.52
C3D NAP G . -1.54 -20.51 -7.71
O3D NAP G . -1.75 -20.33 -6.31
C2D NAP G . -2.05 -19.28 -8.44
O2D NAP G . -3.24 -18.77 -7.85
C1D NAP G . -0.84 -18.35 -8.43
N1N NAP G . -0.93 -17.37 -9.53
C2N NAP G . -0.86 -17.73 -10.83
C3N NAP G . -0.99 -16.77 -11.85
C7N NAP G . -0.89 -17.11 -13.30
O7N NAP G . -1.00 -16.18 -14.12
N7N NAP G . -0.70 -18.38 -13.70
C4N NAP G . -1.18 -15.42 -11.51
C5N NAP G . -1.24 -15.08 -10.18
C6N NAP G . -1.13 -16.08 -9.21
P2B NAP G . -2.58 -31.35 -10.06
O1X NAP G . -4.08 -31.43 -9.85
O2X NAP G . -2.25 -30.96 -11.48
O3X NAP G . -1.83 -32.52 -9.49
PA NAP H . -5.66 24.36 -11.09
O1A NAP H . -4.50 24.40 -12.05
O2A NAP H . -7.11 24.43 -11.38
O5B NAP H . -5.40 25.40 -9.91
C5B NAP H . -4.03 25.56 -9.51
C4B NAP H . -3.94 26.48 -8.28
O4B NAP H . -2.59 26.45 -7.79
C3B NAP H . -4.27 27.93 -8.61
O3B NAP H . -5.09 28.53 -7.62
C2B NAP H . -2.93 28.63 -8.62
O2B NAP H . -3.00 30.00 -8.29
C1B NAP H . -2.16 27.78 -7.59
N9A NAP H . -0.72 27.90 -7.85
C8A NAP H . -0.06 27.49 -8.92
N7A NAP H . 1.24 27.80 -8.78
C5A NAP H . 1.42 28.44 -7.61
C6A NAP H . 2.53 29.04 -6.88
N6A NAP H . 3.80 29.02 -7.33
N1A NAP H . 2.26 29.58 -5.70
C2A NAP H . 1.01 29.62 -5.20
N3A NAP H . -0.06 29.09 -5.83
C4A NAP H . 0.11 28.50 -7.00
O3 NAP H . -5.27 22.97 -10.32
PN NAP H . -6.31 21.88 -9.69
O1N NAP H . -6.60 20.86 -10.78
O2N NAP H . -7.43 22.60 -8.99
O5D NAP H . -5.32 21.12 -8.69
C5D NAP H . -5.18 21.47 -7.30
C4D NAP H . -4.33 20.40 -6.65
O4D NAP H . -4.90 19.12 -6.96
C3D NAP H . -2.90 20.38 -7.15
O3D NAP H . -2.01 20.18 -6.05
C2D NAP H . -2.84 19.23 -8.13
O2D NAP H . -1.51 18.68 -8.26
C1D NAP H . -3.85 18.30 -7.46
N1N NAP H . -4.42 17.33 -8.38
C2N NAP H . -5.20 17.69 -9.41
C3N NAP H . -5.72 16.72 -10.27
C7N NAP H . -6.61 17.01 -11.44
O7N NAP H . -6.96 16.06 -12.16
N7N NAP H . -7.04 18.25 -11.67
C4N NAP H . -5.42 15.40 -10.05
C5N NAP H . -4.62 15.06 -8.98
C6N NAP H . -4.13 16.05 -8.15
P2B NAP H . -3.40 31.11 -9.43
O1X NAP H . -2.24 31.04 -10.37
O2X NAP H . -4.69 30.66 -10.04
O3X NAP H . -3.53 32.34 -8.61
#